data_2XXY
#
_entry.id   2XXY
#
_cell.length_a   85.665
_cell.length_b   99.442
_cell.length_c   124.627
_cell.angle_alpha   90.00
_cell.angle_beta   90.00
_cell.angle_gamma   90.00
#
_symmetry.space_group_name_H-M   'P 21 21 21'
#
loop_
_entity.id
_entity.type
_entity.pdbx_description
1 polymer 'GLUTAMATE RECEPTOR, IONOTROPIC KAINATE 2'
2 non-polymer 3-(CARBOXYMETHYL)-4-ISOPROPENYLPROLINE
#
_entity_poly.entity_id   1
_entity_poly.type   'polypeptide(L)'
_entity_poly.pdbx_seq_one_letter_code
;GSNRSLIVTTILEEPYVLFKKSDKPLYGNDRFEGYCIDLLRELSTILGFTYEIRLVEDGKYGAQDDVNGQWNGMVRELID
HKADLAVAPLAITYVREKVIDFSKPFMTLGISILYRKGTPIDSADDLAKQTKIEYGAVEDGATMTFFKKSKISTYDKMWA
FMSSRRQSVLVKSNEEGIQRVLTSDYAFLMESTTIEFVTQRNCNLTQIGGLIDSKGYGVGTPMGSPYRKKITIAILQLQE
EGKLHMMKEKWWRGNGCPEPR
;
_entity_poly.pdbx_strand_id   A,B,C,D
#
loop_
_chem_comp.id
_chem_comp.type
_chem_comp.name
_chem_comp.formula
KAI non-polymer 3-(CARBOXYMETHYL)-4-ISOPROPENYLPROLINE 'C10 H15 N O4'
#
# COMPACT_ATOMS: atom_id res chain seq x y z
N SER A 5 2.50 23.53 -2.25
CA SER A 5 3.05 22.59 -3.24
C SER A 5 4.60 22.46 -3.18
N LEU A 6 5.09 21.25 -2.87
CA LEU A 6 6.50 20.98 -2.54
C LEU A 6 7.47 20.89 -3.72
N ILE A 7 8.59 21.61 -3.63
CA ILE A 7 9.65 21.52 -4.63
C ILE A 7 10.58 20.36 -4.34
N VAL A 8 10.53 19.34 -5.18
CA VAL A 8 11.38 18.17 -4.98
C VAL A 8 12.59 18.15 -5.91
N THR A 9 13.78 18.29 -5.33
CA THR A 9 15.00 18.18 -6.10
C THR A 9 15.39 16.71 -6.24
N THR A 10 16.01 16.40 -7.38
CA THR A 10 16.43 15.03 -7.65
C THR A 10 17.45 15.06 -8.77
N ILE A 11 17.75 13.89 -9.31
CA ILE A 11 18.85 13.75 -10.27
C ILE A 11 18.72 12.45 -11.06
N LEU A 12 19.10 12.48 -12.34
CA LEU A 12 18.98 11.30 -13.20
C LEU A 12 19.92 10.20 -12.73
N GLU A 13 19.38 9.00 -12.57
CA GLU A 13 20.19 7.86 -12.15
C GLU A 13 19.39 6.55 -12.23
N GLU A 14 19.72 5.72 -13.22
CA GLU A 14 19.06 4.42 -13.43
C GLU A 14 19.26 3.49 -12.25
N PRO A 15 18.18 2.87 -11.74
CA PRO A 15 16.79 3.03 -12.15
C PRO A 15 16.01 3.91 -11.17
N TYR A 16 16.71 4.74 -10.41
CA TYR A 16 16.06 5.61 -9.42
C TYR A 16 15.24 6.74 -10.06
N VAL A 17 15.86 7.46 -11.00
CA VAL A 17 15.16 8.49 -11.76
C VAL A 17 15.68 8.53 -13.19
N LEU A 18 14.76 8.67 -14.15
CA LEU A 18 15.15 8.71 -15.55
C LEU A 18 14.02 9.21 -16.44
N PHE A 19 14.36 9.85 -17.55
CA PHE A 19 13.37 10.34 -18.49
C PHE A 19 12.62 9.16 -19.11
N LYS A 20 11.29 9.16 -18.97
CA LYS A 20 10.45 8.13 -19.53
C LYS A 20 10.60 8.18 -21.04
N LYS A 21 10.35 7.05 -21.70
CA LYS A 21 10.41 7.02 -23.15
C LYS A 21 9.01 7.05 -23.72
N SER A 22 8.85 7.81 -24.79
CA SER A 22 7.59 7.84 -25.54
C SER A 22 7.81 8.45 -26.92
N ASP A 23 6.72 8.60 -27.66
CA ASP A 23 6.77 9.12 -29.02
C ASP A 23 6.29 10.56 -29.06
N LYS A 24 5.40 10.91 -28.14
CA LYS A 24 4.81 12.24 -28.11
C LYS A 24 5.26 13.03 -26.88
N PRO A 25 5.90 14.19 -27.10
CA PRO A 25 6.48 15.06 -26.07
C PRO A 25 5.81 15.02 -24.67
N LEU A 26 6.65 14.99 -23.63
CA LEU A 26 6.21 14.94 -22.23
C LEU A 26 6.62 16.20 -21.47
N TYR A 27 5.78 16.63 -20.54
CA TYR A 27 6.05 17.86 -19.79
C TYR A 27 5.81 17.66 -18.29
N GLY A 28 6.41 18.54 -17.50
CA GLY A 28 6.29 18.47 -16.06
C GLY A 28 6.72 17.13 -15.52
N ASN A 29 6.01 16.66 -14.50
CA ASN A 29 6.39 15.43 -13.80
C ASN A 29 6.20 14.13 -14.55
N ASP A 30 5.58 14.18 -15.72
CA ASP A 30 5.37 12.97 -16.52
C ASP A 30 6.66 12.58 -17.21
N ARG A 31 7.59 13.53 -17.28
CA ARG A 31 8.89 13.31 -17.89
C ARG A 31 9.66 12.17 -17.21
N PHE A 32 9.29 11.85 -15.98
CA PHE A 32 10.10 10.98 -15.14
C PHE A 32 9.43 9.68 -14.68
N GLU A 33 10.23 8.63 -14.63
CA GLU A 33 9.84 7.36 -14.04
C GLU A 33 11.03 6.87 -13.25
N GLY A 34 10.87 5.76 -12.56
CA GLY A 34 11.95 5.18 -11.79
C GLY A 34 11.56 4.92 -10.34
N TYR A 35 12.31 4.04 -9.68
CA TYR A 35 12.09 3.72 -8.27
C TYR A 35 11.78 4.92 -7.37
N CYS A 36 12.55 5.99 -7.48
CA CYS A 36 12.36 7.14 -6.60
C CYS A 36 11.10 7.90 -6.99
N ILE A 37 10.82 7.92 -8.28
CA ILE A 37 9.57 8.49 -8.77
C ILE A 37 8.34 7.76 -8.20
N ASP A 38 8.39 6.43 -8.22
CA ASP A 38 7.34 5.62 -7.63
C ASP A 38 7.21 5.98 -6.16
N LEU A 39 8.33 6.00 -5.45
CA LEU A 39 8.35 6.31 -4.04
C LEU A 39 7.80 7.72 -3.78
N LEU A 40 8.26 8.68 -4.56
CA LEU A 40 7.77 10.03 -4.39
C LEU A 40 6.23 9.99 -4.45
N ARG A 41 5.72 9.29 -5.46
CA ARG A 41 4.28 9.16 -5.66
C ARG A 41 3.55 8.58 -4.43
N GLU A 42 4.10 7.50 -3.88
CA GLU A 42 3.49 6.85 -2.72
C GLU A 42 3.46 7.77 -1.51
N LEU A 43 4.56 8.48 -1.28
CA LEU A 43 4.61 9.45 -0.19
C LEU A 43 3.61 10.55 -0.45
N SER A 44 3.62 11.04 -1.69
CA SER A 44 2.67 12.02 -2.16
C SER A 44 1.24 11.67 -1.71
N THR A 45 0.83 10.44 -1.96
CA THR A 45 -0.47 9.95 -1.53
C THR A 45 -0.62 9.97 -0.01
N ILE A 46 0.21 9.19 0.67
CA ILE A 46 0.08 8.99 2.12
C ILE A 46 0.06 10.27 2.96
N LEU A 47 0.78 11.30 2.52
CA LEU A 47 0.93 12.51 3.32
C LEU A 47 0.13 13.65 2.73
N GLY A 48 -0.49 13.38 1.58
CA GLY A 48 -1.32 14.36 0.91
C GLY A 48 -0.59 15.65 0.60
N PHE A 49 0.39 15.56 -0.29
CA PHE A 49 0.99 16.78 -0.83
C PHE A 49 1.09 16.75 -2.35
N THR A 50 1.10 17.93 -2.95
CA THR A 50 1.35 18.03 -4.37
C THR A 50 2.80 18.44 -4.49
N TYR A 51 3.43 18.14 -5.62
CA TYR A 51 4.86 18.35 -5.75
C TYR A 51 5.31 18.62 -7.18
N GLU A 52 6.33 19.47 -7.33
CA GLU A 52 6.97 19.72 -8.62
C GLU A 52 8.40 19.19 -8.62
N ILE A 53 8.69 18.29 -9.55
CA ILE A 53 10.02 17.70 -9.65
C ILE A 53 10.99 18.58 -10.43
N ARG A 54 12.13 18.90 -9.82
CA ARG A 54 13.18 19.63 -10.50
C ARG A 54 14.47 18.87 -10.39
N LEU A 55 15.15 18.72 -11.51
CA LEU A 55 16.50 18.17 -11.51
C LEU A 55 17.50 19.18 -10.94
N VAL A 56 18.28 18.75 -9.95
CA VAL A 56 19.34 19.58 -9.39
C VAL A 56 20.25 20.10 -10.51
N GLU A 57 20.50 21.40 -10.50
CA GLU A 57 21.08 22.07 -11.66
C GLU A 57 22.58 21.79 -11.87
N ASP A 58 23.37 21.80 -10.80
CA ASP A 58 24.79 21.55 -10.97
C ASP A 58 25.06 20.07 -11.23
N GLY A 59 24.06 19.24 -10.95
CA GLY A 59 24.15 17.83 -11.28
C GLY A 59 24.92 17.01 -10.27
N LYS A 60 24.99 17.50 -9.03
CA LYS A 60 25.77 16.82 -8.00
C LYS A 60 24.92 16.46 -6.78
N TYR A 61 25.34 15.43 -6.05
CA TYR A 61 24.60 15.00 -4.88
C TYR A 61 24.78 15.94 -3.70
N GLY A 62 26.00 16.06 -3.21
CA GLY A 62 26.25 16.99 -2.12
C GLY A 62 27.60 16.78 -1.50
N ALA A 63 28.49 17.75 -1.69
CA ALA A 63 29.80 17.69 -1.08
C ALA A 63 30.21 19.06 -0.61
N GLN A 64 31.09 19.06 0.39
CA GLN A 64 31.56 20.27 1.05
C GLN A 64 33.01 20.59 0.65
N ASP A 65 33.25 21.83 0.23
CA ASP A 65 34.60 22.25 -0.17
C ASP A 65 35.43 22.54 1.05
N ASP A 66 36.54 21.84 1.19
CA ASP A 66 37.38 21.95 2.39
C ASP A 66 37.71 23.41 2.74
N VAL A 67 38.28 24.13 1.77
CA VAL A 67 38.73 25.50 1.97
C VAL A 67 37.66 26.51 2.44
N ASN A 68 36.75 26.88 1.53
CA ASN A 68 35.64 27.82 1.82
C ASN A 68 34.55 27.25 2.73
N GLY A 69 34.20 25.99 2.51
CA GLY A 69 33.20 25.34 3.34
C GLY A 69 31.80 25.32 2.75
N GLN A 70 31.72 25.53 1.43
CA GLN A 70 30.46 25.62 0.73
C GLN A 70 29.97 24.25 0.33
N TRP A 71 28.65 24.07 0.31
CA TRP A 71 28.07 22.83 -0.17
C TRP A 71 27.55 22.97 -1.60
N ASN A 72 27.49 21.85 -2.31
CA ASN A 72 26.96 21.87 -3.65
C ASN A 72 25.83 20.85 -3.82
N GLY A 73 25.26 20.79 -5.01
CA GLY A 73 24.27 19.79 -5.35
C GLY A 73 22.99 19.84 -4.55
N MET A 74 22.33 18.69 -4.50
CA MET A 74 21.04 18.58 -3.84
C MET A 74 21.10 19.03 -2.37
N VAL A 75 22.18 18.67 -1.69
CA VAL A 75 22.32 19.08 -0.31
C VAL A 75 22.33 20.60 -0.17
N ARG A 76 23.06 21.28 -1.05
CA ARG A 76 23.06 22.73 -1.05
C ARG A 76 21.63 23.30 -1.19
N GLU A 77 20.91 22.84 -2.23
CA GLU A 77 19.52 23.24 -2.47
C GLU A 77 18.64 23.11 -1.24
N LEU A 78 18.85 22.05 -0.47
CA LEU A 78 18.09 21.82 0.77
C LEU A 78 18.42 22.84 1.84
N ILE A 79 19.72 23.07 1.99
CA ILE A 79 20.24 24.05 2.94
C ILE A 79 19.67 25.45 2.66
N ASP A 80 19.62 25.82 1.38
CA ASP A 80 19.13 27.12 0.97
C ASP A 80 17.60 27.23 0.93
N HIS A 81 16.90 26.16 1.30
CA HIS A 81 15.44 26.12 1.24
C HIS A 81 14.93 26.37 -0.18
N LYS A 82 15.78 26.03 -1.16
CA LYS A 82 15.44 26.14 -2.56
C LYS A 82 14.65 24.91 -3.02
N ALA A 83 14.62 23.90 -2.16
CA ALA A 83 13.82 22.71 -2.38
C ALA A 83 13.33 22.18 -1.03
N ASP A 84 12.20 21.46 -1.05
CA ASP A 84 11.60 21.01 0.20
C ASP A 84 12.03 19.60 0.52
N LEU A 85 12.26 18.83 -0.53
CA LEU A 85 12.65 17.43 -0.40
C LEU A 85 13.65 17.06 -1.48
N ALA A 86 14.60 16.21 -1.10
CA ALA A 86 15.49 15.61 -2.07
C ALA A 86 15.18 14.12 -2.08
N VAL A 87 14.64 13.66 -3.20
CA VAL A 87 14.31 12.26 -3.32
C VAL A 87 15.18 11.67 -4.40
N ALA A 88 16.22 10.96 -3.97
CA ALA A 88 17.20 10.37 -4.87
C ALA A 88 17.95 9.23 -4.17
N PRO A 89 18.92 8.60 -4.85
CA PRO A 89 19.76 7.61 -4.15
C PRO A 89 20.79 8.38 -3.29
N LEU A 90 20.29 9.28 -2.45
CA LEU A 90 21.11 10.14 -1.63
C LEU A 90 21.50 9.40 -0.35
N ALA A 91 22.81 9.25 -0.14
CA ALA A 91 23.32 8.50 1.01
C ALA A 91 23.25 9.28 2.33
N ILE A 92 22.71 8.64 3.36
CA ILE A 92 22.75 9.16 4.71
C ILE A 92 24.15 8.94 5.30
N THR A 93 24.93 10.02 5.28
CA THR A 93 26.32 10.08 5.73
C THR A 93 26.37 11.05 6.90
N TYR A 94 27.31 10.90 7.81
CA TYR A 94 27.25 11.76 8.99
C TYR A 94 27.71 13.19 8.70
N VAL A 95 28.56 13.39 7.69
CA VAL A 95 28.94 14.75 7.32
C VAL A 95 27.72 15.50 6.81
N ARG A 96 26.78 14.76 6.22
CA ARG A 96 25.59 15.34 5.63
C ARG A 96 24.54 15.58 6.71
N GLU A 97 24.40 14.63 7.62
CA GLU A 97 23.46 14.83 8.72
C GLU A 97 23.78 16.09 9.51
N LYS A 98 24.98 16.63 9.37
CA LYS A 98 25.33 17.85 10.10
C LYS A 98 24.76 19.09 9.44
N VAL A 99 24.21 18.97 8.25
CA VAL A 99 23.68 20.14 7.56
C VAL A 99 22.21 20.02 7.09
N ILE A 100 21.78 18.80 6.81
CA ILE A 100 20.39 18.56 6.46
C ILE A 100 19.79 17.46 7.34
N ASP A 101 18.48 17.22 7.24
CA ASP A 101 17.88 16.06 7.90
C ASP A 101 17.65 14.95 6.87
N PHE A 102 17.42 13.74 7.35
CA PHE A 102 17.12 12.62 6.46
C PHE A 102 15.99 11.78 7.07
N SER A 103 15.07 11.31 6.24
CA SER A 103 14.15 10.26 6.68
C SER A 103 14.97 9.02 7.03
N LYS A 104 14.40 8.14 7.84
CA LYS A 104 15.00 6.84 8.02
C LYS A 104 15.17 6.23 6.62
N PRO A 105 16.07 5.24 6.47
CA PRO A 105 16.44 4.77 5.13
C PRO A 105 15.30 4.02 4.48
N PHE A 106 15.11 4.26 3.18
CA PHE A 106 14.19 3.44 2.40
C PHE A 106 14.95 2.29 1.73
N MET A 107 16.28 2.34 1.80
CA MET A 107 17.12 1.28 1.27
C MET A 107 18.38 1.19 2.09
N THR A 108 18.82 -0.01 2.45
CA THR A 108 20.18 -0.15 3.02
C THR A 108 21.16 -0.80 2.04
N LEU A 109 22.32 -0.18 1.88
CA LEU A 109 23.35 -0.67 0.98
C LEU A 109 24.72 -0.62 1.64
N GLY A 110 25.75 -0.46 0.81
CA GLY A 110 27.12 -0.41 1.28
C GLY A 110 28.04 -0.23 0.10
N ILE A 111 29.20 0.36 0.36
CA ILE A 111 30.23 0.49 -0.66
C ILE A 111 30.81 -0.88 -0.99
N SER A 112 31.11 -1.10 -2.28
CA SER A 112 31.73 -2.34 -2.69
C SER A 112 32.48 -2.14 -4.00
N ILE A 113 32.92 -3.23 -4.62
CA ILE A 113 33.77 -3.12 -5.79
C ILE A 113 33.13 -3.73 -7.04
N LEU A 114 33.25 -2.99 -8.13
CA LEU A 114 32.80 -3.48 -9.43
C LEU A 114 34.03 -3.77 -10.27
N TYR A 115 34.22 -5.04 -10.63
CA TYR A 115 35.34 -5.46 -11.46
C TYR A 115 34.87 -6.59 -12.39
N ARG A 116 35.65 -6.96 -13.39
CA ARG A 116 35.24 -8.06 -14.24
C ARG A 116 35.55 -9.37 -13.52
N LYS A 117 35.01 -10.47 -14.03
CA LYS A 117 35.09 -11.77 -13.38
C LYS A 117 36.44 -12.50 -13.59
N GLY A 118 36.78 -13.40 -12.66
CA GLY A 118 37.89 -14.30 -12.84
C GLY A 118 39.28 -13.75 -12.58
N THR A 119 39.36 -12.60 -11.92
CA THR A 119 40.64 -12.09 -11.49
C THR A 119 40.96 -12.64 -10.11
N PRO A 120 42.24 -12.59 -9.73
CA PRO A 120 42.69 -13.01 -8.40
C PRO A 120 42.20 -12.07 -7.31
N ILE A 121 41.80 -10.86 -7.69
CA ILE A 121 41.29 -9.86 -6.76
C ILE A 121 40.05 -10.37 -6.03
N ASP A 122 40.02 -10.20 -4.71
CA ASP A 122 38.96 -10.81 -3.92
C ASP A 122 38.52 -9.91 -2.78
N SER A 123 39.10 -8.72 -2.69
CA SER A 123 38.80 -7.82 -1.59
C SER A 123 39.41 -6.45 -1.83
N ALA A 124 38.99 -5.48 -1.02
CA ALA A 124 39.56 -4.13 -1.06
C ALA A 124 41.06 -4.16 -0.81
N ASP A 125 41.50 -5.01 0.11
CA ASP A 125 42.90 -5.12 0.41
C ASP A 125 43.74 -5.51 -0.82
N ASP A 126 43.31 -6.55 -1.54
CA ASP A 126 44.00 -7.02 -2.74
C ASP A 126 44.21 -5.90 -3.75
N LEU A 127 43.32 -4.92 -3.73
CA LEU A 127 43.42 -3.75 -4.61
C LEU A 127 44.45 -2.77 -4.10
N ALA A 128 44.37 -2.52 -2.79
CA ALA A 128 45.21 -1.53 -2.15
C ALA A 128 46.67 -1.84 -2.39
N LYS A 129 47.06 -3.07 -2.05
CA LYS A 129 48.47 -3.48 -2.01
C LYS A 129 49.11 -3.71 -3.37
N GLN A 130 48.56 -3.10 -4.41
CA GLN A 130 49.13 -3.18 -5.75
C GLN A 130 48.83 -1.90 -6.53
N THR A 131 49.31 -1.82 -7.77
CA THR A 131 49.17 -0.60 -8.57
C THR A 131 48.82 -0.82 -10.04
N LYS A 132 49.08 -2.02 -10.55
CA LYS A 132 48.70 -2.35 -11.92
C LYS A 132 47.23 -2.00 -12.17
N ILE A 133 46.32 -2.70 -11.50
CA ILE A 133 44.90 -2.40 -11.58
C ILE A 133 44.58 -1.10 -10.85
N GLU A 134 44.10 -0.11 -11.60
CA GLU A 134 43.69 1.16 -11.01
C GLU A 134 42.30 1.07 -10.40
N TYR A 135 41.93 2.07 -9.62
CA TYR A 135 40.62 2.11 -9.02
C TYR A 135 40.21 3.51 -8.65
N GLY A 136 38.90 3.74 -8.56
CA GLY A 136 38.37 5.05 -8.27
C GLY A 136 36.90 5.03 -7.93
N ALA A 137 36.32 6.22 -7.79
CA ALA A 137 34.94 6.37 -7.35
C ALA A 137 34.39 7.65 -7.95
N VAL A 138 33.09 7.87 -7.75
CA VAL A 138 32.51 9.10 -8.23
C VAL A 138 33.04 10.23 -7.40
N GLU A 139 33.65 11.21 -8.08
CA GLU A 139 34.28 12.38 -7.47
C GLU A 139 33.22 13.22 -6.73
N ASP A 140 33.50 13.56 -5.47
CA ASP A 140 32.55 14.31 -4.64
C ASP A 140 31.35 13.45 -4.25
N GLY A 141 31.52 12.14 -4.36
CA GLY A 141 30.49 11.21 -3.97
C GLY A 141 30.55 10.93 -2.49
N ALA A 142 29.57 10.19 -2.00
CA ALA A 142 29.59 9.73 -0.63
C ALA A 142 30.69 8.69 -0.49
N THR A 143 30.79 7.84 -1.52
CA THR A 143 31.79 6.78 -1.57
C THR A 143 33.21 7.34 -1.55
N MET A 144 33.49 8.30 -2.41
CA MET A 144 34.80 8.95 -2.36
C MET A 144 35.04 9.52 -0.97
N THR A 145 34.12 10.36 -0.51
CA THR A 145 34.23 10.91 0.83
C THR A 145 34.56 9.89 1.93
N PHE A 146 34.00 8.70 1.82
CA PHE A 146 34.27 7.68 2.81
C PHE A 146 35.77 7.42 2.90
N PHE A 147 36.43 7.30 1.76
CA PHE A 147 37.85 7.03 1.73
C PHE A 147 38.67 8.21 2.19
N LYS A 148 38.28 9.39 1.73
CA LYS A 148 38.95 10.60 2.15
C LYS A 148 38.93 10.79 3.68
N LYS A 149 37.80 10.45 4.29
CA LYS A 149 37.64 10.60 5.74
C LYS A 149 38.08 9.38 6.56
N SER A 150 38.62 8.36 5.91
CA SER A 150 38.84 7.11 6.61
C SER A 150 40.22 7.05 7.18
N LYS A 151 40.30 6.66 8.46
CA LYS A 151 41.57 6.36 9.10
C LYS A 151 41.71 4.84 9.32
N ILE A 152 41.11 4.03 8.45
CA ILE A 152 41.38 2.60 8.40
C ILE A 152 42.59 2.34 7.51
N SER A 153 43.52 1.53 8.00
CA SER A 153 44.75 1.22 7.28
C SER A 153 44.53 1.08 5.78
N THR A 154 43.81 0.01 5.39
CA THR A 154 43.57 -0.31 3.99
C THR A 154 43.00 0.83 3.16
N TYR A 155 41.98 1.50 3.69
CA TYR A 155 41.26 2.53 2.93
C TYR A 155 42.04 3.83 2.81
N ASP A 156 42.83 4.13 3.83
CA ASP A 156 43.72 5.30 3.79
C ASP A 156 44.71 5.17 2.65
N LYS A 157 45.29 3.99 2.49
CA LYS A 157 46.19 3.72 1.37
C LYS A 157 45.48 3.88 0.03
N MET A 158 44.25 3.33 -0.05
CA MET A 158 43.45 3.40 -1.26
C MET A 158 43.06 4.82 -1.57
N TRP A 159 42.84 5.61 -0.52
CA TRP A 159 42.61 7.02 -0.71
C TRP A 159 43.87 7.70 -1.24
N ALA A 160 44.99 7.46 -0.56
CA ALA A 160 46.28 7.99 -0.97
C ALA A 160 46.52 7.72 -2.46
N PHE A 161 46.20 6.51 -2.88
CA PHE A 161 46.29 6.11 -4.27
C PHE A 161 45.45 7.00 -5.17
N MET A 162 44.17 7.15 -4.84
CA MET A 162 43.26 7.90 -5.71
C MET A 162 43.54 9.41 -5.74
N SER A 163 43.75 10.02 -4.57
CA SER A 163 43.91 11.47 -4.49
C SER A 163 45.15 11.91 -5.26
N SER A 164 46.06 10.96 -5.50
CA SER A 164 47.28 11.25 -6.23
C SER A 164 47.07 11.09 -7.73
N ARG A 165 46.00 10.44 -8.13
CA ARG A 165 45.73 10.30 -9.55
C ARG A 165 44.31 10.71 -9.86
N ARG A 166 43.71 11.58 -9.05
CA ARG A 166 42.31 11.90 -9.30
C ARG A 166 42.04 12.27 -10.77
N GLN A 167 43.00 12.92 -11.44
CA GLN A 167 42.81 13.33 -12.84
C GLN A 167 42.27 12.20 -13.70
N SER A 168 42.60 10.97 -13.33
CA SER A 168 42.43 9.81 -14.22
C SER A 168 41.68 8.60 -13.63
N VAL A 169 41.45 8.59 -12.32
CA VAL A 169 40.78 7.45 -11.69
C VAL A 169 39.49 7.87 -11.00
N LEU A 170 39.32 9.17 -10.77
CA LEU A 170 38.07 9.66 -10.22
C LEU A 170 37.16 10.09 -11.35
N VAL A 171 35.98 9.48 -11.40
CA VAL A 171 35.04 9.71 -12.49
C VAL A 171 33.90 10.65 -12.06
N LYS A 172 33.12 11.11 -13.03
CA LYS A 172 32.08 12.10 -12.78
C LYS A 172 30.66 11.52 -12.73
N SER A 173 30.53 10.23 -12.96
CA SER A 173 29.23 9.57 -12.93
C SER A 173 29.38 8.05 -12.79
N ASN A 174 28.38 7.41 -12.22
CA ASN A 174 28.34 5.95 -12.15
C ASN A 174 28.49 5.30 -13.53
N GLU A 175 27.98 5.98 -14.55
CA GLU A 175 28.08 5.44 -15.90
C GLU A 175 29.52 5.43 -16.37
N GLU A 176 30.17 6.57 -16.24
CA GLU A 176 31.56 6.73 -16.67
C GLU A 176 32.49 5.77 -15.93
N GLY A 177 32.12 5.46 -14.69
CA GLY A 177 32.92 4.58 -13.85
C GLY A 177 32.81 3.16 -14.36
N ILE A 178 31.64 2.81 -14.85
CA ILE A 178 31.39 1.47 -15.41
C ILE A 178 32.10 1.31 -16.75
N GLN A 179 32.05 2.36 -17.56
CA GLN A 179 32.77 2.39 -18.82
C GLN A 179 34.27 2.19 -18.63
N ARG A 180 34.84 2.81 -17.60
CA ARG A 180 36.25 2.62 -17.29
C ARG A 180 36.56 1.15 -17.01
N VAL A 181 35.70 0.52 -16.21
CA VAL A 181 35.89 -0.88 -15.84
C VAL A 181 35.88 -1.75 -17.09
N LEU A 182 35.03 -1.37 -18.03
CA LEU A 182 34.82 -2.15 -19.24
C LEU A 182 35.80 -1.86 -20.37
N THR A 183 36.64 -0.85 -20.21
CA THR A 183 37.54 -0.46 -21.29
C THR A 183 38.96 -0.25 -20.82
N SER A 184 39.29 -0.79 -19.66
CA SER A 184 40.66 -0.69 -19.14
C SER A 184 40.82 -1.54 -17.89
N ASP A 185 42.05 -1.64 -17.39
CA ASP A 185 42.30 -2.42 -16.19
C ASP A 185 41.94 -1.59 -14.96
N TYR A 186 40.65 -1.56 -14.66
CA TYR A 186 40.10 -0.65 -13.66
C TYR A 186 39.01 -1.33 -12.84
N ALA A 187 39.04 -1.08 -11.54
CA ALA A 187 38.01 -1.57 -10.62
C ALA A 187 37.31 -0.36 -10.01
N PHE A 188 35.98 -0.42 -9.94
CA PHE A 188 35.20 0.75 -9.53
C PHE A 188 34.62 0.60 -8.14
N LEU A 189 34.68 1.66 -7.35
CA LEU A 189 34.08 1.70 -6.02
C LEU A 189 32.72 2.38 -6.10
N MET A 190 31.66 1.57 -6.09
CA MET A 190 30.32 2.13 -6.15
C MET A 190 29.45 1.50 -5.08
N GLU A 191 28.19 1.96 -5.02
CA GLU A 191 27.25 1.40 -4.06
C GLU A 191 26.68 0.05 -4.48
N SER A 192 26.45 -0.81 -3.49
CA SER A 192 26.17 -2.21 -3.73
C SER A 192 24.92 -2.38 -4.57
N THR A 193 23.87 -1.63 -4.20
CA THR A 193 22.62 -1.62 -4.94
C THR A 193 22.83 -1.28 -6.41
N THR A 194 23.59 -0.24 -6.69
CA THR A 194 23.86 0.09 -8.07
C THR A 194 24.69 -0.98 -8.76
N ILE A 195 25.64 -1.59 -8.06
CA ILE A 195 26.40 -2.73 -8.60
C ILE A 195 25.46 -3.85 -8.98
N GLU A 196 24.60 -4.21 -8.03
CA GLU A 196 23.57 -5.23 -8.19
C GLU A 196 22.69 -5.02 -9.45
N PHE A 197 22.51 -3.76 -9.82
CA PHE A 197 21.74 -3.43 -11.01
C PHE A 197 22.59 -3.65 -12.26
N VAL A 198 23.84 -3.20 -12.20
CA VAL A 198 24.74 -3.20 -13.33
C VAL A 198 25.16 -4.62 -13.72
N THR A 199 25.30 -5.48 -12.72
CA THR A 199 25.79 -6.84 -12.95
C THR A 199 24.76 -7.74 -13.63
N GLN A 200 23.63 -7.15 -14.01
CA GLN A 200 22.62 -7.83 -14.80
C GLN A 200 22.71 -7.42 -16.26
N ARG A 201 22.83 -6.11 -16.49
CA ARG A 201 22.95 -5.55 -17.84
C ARG A 201 24.34 -5.83 -18.48
N ASN A 202 25.32 -6.21 -17.65
CA ASN A 202 26.69 -6.45 -18.10
C ASN A 202 27.16 -7.76 -17.50
N CYS A 203 27.29 -8.78 -18.33
CA CYS A 203 27.48 -10.11 -17.80
C CYS A 203 28.94 -10.53 -17.53
N ASN A 204 29.89 -9.66 -17.86
CA ASN A 204 31.28 -9.96 -17.54
C ASN A 204 31.77 -9.24 -16.27
N LEU A 205 30.86 -8.48 -15.64
CA LEU A 205 31.19 -7.75 -14.40
C LEU A 205 30.68 -8.47 -13.17
N THR A 206 31.25 -8.15 -12.02
CA THR A 206 30.84 -8.81 -10.80
C THR A 206 31.18 -7.94 -9.61
N GLN A 207 30.58 -8.24 -8.45
CA GLN A 207 30.98 -7.58 -7.23
C GLN A 207 32.16 -8.30 -6.58
N ILE A 208 33.26 -7.59 -6.45
CA ILE A 208 34.42 -8.14 -5.75
C ILE A 208 34.29 -7.92 -4.25
N GLY A 209 34.49 -8.99 -3.48
CA GLY A 209 34.40 -8.95 -2.04
C GLY A 209 33.01 -8.62 -1.51
N GLY A 210 32.95 -8.12 -0.29
CA GLY A 210 31.68 -7.86 0.34
C GLY A 210 31.42 -6.37 0.45
N LEU A 211 30.49 -6.02 1.32
CA LEU A 211 30.20 -4.60 1.57
C LEU A 211 31.30 -4.01 2.43
N ILE A 212 31.85 -2.89 1.98
CA ILE A 212 32.94 -2.24 2.70
C ILE A 212 32.43 -1.49 3.93
N ASP A 213 31.27 -0.84 3.82
CA ASP A 213 30.61 -0.20 4.96
C ASP A 213 29.13 -0.50 4.92
N SER A 214 28.32 0.33 5.58
CA SER A 214 26.88 0.09 5.63
C SER A 214 26.05 1.37 5.77
N LYS A 215 25.79 2.04 4.65
CA LYS A 215 24.95 3.23 4.70
C LYS A 215 23.52 2.92 4.22
N GLY A 216 22.66 3.94 4.25
CA GLY A 216 21.35 3.86 3.63
C GLY A 216 21.07 5.06 2.73
N TYR A 217 19.99 4.98 1.96
CA TYR A 217 19.46 6.13 1.25
C TYR A 217 18.26 6.63 2.01
N GLY A 218 18.07 7.95 2.02
CA GLY A 218 16.99 8.57 2.77
C GLY A 218 16.45 9.74 1.99
N VAL A 219 15.32 10.27 2.43
CA VAL A 219 14.76 11.44 1.79
C VAL A 219 15.37 12.67 2.44
N GLY A 220 15.93 13.56 1.61
CA GLY A 220 16.58 14.74 2.11
C GLY A 220 15.60 15.85 2.39
N THR A 221 15.62 16.38 3.63
CA THR A 221 14.85 17.57 3.99
C THR A 221 15.79 18.62 4.60
N PRO A 222 15.45 19.91 4.43
CA PRO A 222 16.21 20.96 5.10
C PRO A 222 16.15 20.67 6.60
N MET A 223 17.17 21.10 7.33
CA MET A 223 17.24 20.81 8.75
C MET A 223 16.09 21.46 9.49
N GLY A 224 15.48 20.69 10.39
CA GLY A 224 14.34 21.17 11.17
C GLY A 224 13.00 21.01 10.47
N SER A 225 12.99 20.38 9.30
CA SER A 225 11.78 20.20 8.51
C SER A 225 10.82 19.21 9.14
N PRO A 226 9.54 19.60 9.17
CA PRO A 226 8.41 18.80 9.65
C PRO A 226 8.24 17.49 8.86
N TYR A 227 8.56 17.52 7.57
CA TYR A 227 8.43 16.34 6.71
C TYR A 227 9.41 15.22 7.04
N ARG A 228 10.51 15.54 7.70
CA ARG A 228 11.45 14.48 8.07
C ARG A 228 10.74 13.39 8.85
N LYS A 229 10.08 13.78 9.93
CA LYS A 229 9.32 12.79 10.69
C LYS A 229 8.16 12.18 9.86
N LYS A 230 7.37 13.02 9.19
CA LYS A 230 6.22 12.55 8.40
C LYS A 230 6.64 11.48 7.39
N ILE A 231 7.71 11.80 6.66
CA ILE A 231 8.23 10.92 5.63
C ILE A 231 8.88 9.69 6.22
N THR A 232 9.45 9.80 7.42
CA THR A 232 9.99 8.61 8.08
C THR A 232 8.86 7.64 8.40
N ILE A 233 7.75 8.16 8.89
CA ILE A 233 6.62 7.32 9.23
C ILE A 233 6.08 6.65 7.96
N ALA A 234 5.96 7.44 6.89
CA ALA A 234 5.43 6.94 5.63
C ALA A 234 6.29 5.82 5.10
N ILE A 235 7.60 5.98 5.23
CA ILE A 235 8.53 4.98 4.73
C ILE A 235 8.45 3.70 5.57
N LEU A 236 8.44 3.87 6.89
CA LEU A 236 8.33 2.74 7.79
C LEU A 236 7.10 1.91 7.43
N GLN A 237 6.01 2.62 7.12
CA GLN A 237 4.76 2.03 6.63
C GLN A 237 4.97 1.25 5.35
N LEU A 238 5.69 1.85 4.41
CA LEU A 238 5.90 1.23 3.10
C LEU A 238 6.77 -0.03 3.17
N GLN A 239 7.72 -0.05 4.11
CA GLN A 239 8.57 -1.22 4.33
C GLN A 239 7.71 -2.35 4.86
N GLU A 240 6.94 -2.02 5.90
CA GLU A 240 6.18 -2.99 6.68
C GLU A 240 5.08 -3.64 5.84
N GLU A 241 4.66 -2.99 4.77
CA GLU A 241 3.60 -3.56 3.94
C GLU A 241 4.11 -4.12 2.60
N GLY A 242 5.43 -4.23 2.49
CA GLY A 242 6.07 -4.91 1.39
C GLY A 242 6.23 -4.10 0.12
N LYS A 243 5.76 -2.85 0.16
CA LYS A 243 5.69 -2.04 -1.06
C LYS A 243 7.08 -1.68 -1.52
N LEU A 244 7.96 -1.41 -0.57
CA LEU A 244 9.33 -1.05 -0.93
C LEU A 244 10.05 -2.25 -1.58
N HIS A 245 9.82 -3.45 -1.05
CA HIS A 245 10.42 -4.62 -1.64
C HIS A 245 9.88 -4.83 -3.04
N MET A 246 8.57 -4.77 -3.17
CA MET A 246 7.95 -4.82 -4.49
C MET A 246 8.56 -3.82 -5.48
N MET A 247 8.72 -2.58 -5.03
CA MET A 247 9.28 -1.50 -5.87
C MET A 247 10.68 -1.80 -6.38
N LYS A 248 11.51 -2.43 -5.53
CA LYS A 248 12.84 -2.83 -5.97
C LYS A 248 12.78 -3.98 -6.98
N GLU A 249 11.98 -5.00 -6.68
CA GLU A 249 11.73 -6.08 -7.64
C GLU A 249 11.46 -5.47 -8.99
N LYS A 250 10.58 -4.46 -8.98
CA LYS A 250 10.10 -3.83 -10.20
C LYS A 250 11.21 -3.20 -11.04
N TRP A 251 12.13 -2.50 -10.39
CA TRP A 251 13.14 -1.73 -11.14
C TRP A 251 14.49 -2.45 -11.33
N TRP A 252 14.67 -3.59 -10.68
CA TRP A 252 15.88 -4.41 -10.77
C TRP A 252 15.67 -5.75 -11.53
N SER B 5 22.29 14.97 34.00
CA SER B 5 22.56 13.52 33.98
C SER B 5 21.36 12.67 33.49
N LEU B 6 21.54 11.96 32.37
CA LEU B 6 20.45 11.29 31.63
C LEU B 6 19.96 9.97 32.22
N ILE B 7 18.64 9.84 32.34
CA ILE B 7 18.04 8.57 32.76
C ILE B 7 17.83 7.63 31.58
N VAL B 8 18.62 6.57 31.51
CA VAL B 8 18.50 5.63 30.41
C VAL B 8 17.71 4.36 30.73
N THR B 9 16.54 4.20 30.12
CA THR B 9 15.78 2.98 30.34
C THR B 9 16.30 1.90 29.40
N THR B 10 16.18 0.66 29.86
CA THR B 10 16.62 -0.49 29.09
C THR B 10 16.03 -1.76 29.68
N ILE B 11 16.54 -2.90 29.26
CA ILE B 11 15.93 -4.17 29.63
C ILE B 11 16.89 -5.31 29.37
N LEU B 12 16.87 -6.33 30.24
CA LEU B 12 17.75 -7.48 30.09
C LEU B 12 17.45 -8.27 28.81
N GLU B 13 18.49 -8.51 28.04
CA GLU B 13 18.37 -9.29 26.81
C GLU B 13 19.74 -9.64 26.20
N GLU B 14 20.11 -10.92 26.26
CA GLU B 14 21.39 -11.40 25.74
C GLU B 14 21.49 -11.24 24.23
N PRO B 15 22.60 -10.67 23.72
CA PRO B 15 23.73 -10.10 24.43
C PRO B 15 23.68 -8.59 24.48
N TYR B 16 22.51 -7.99 24.36
CA TYR B 16 22.37 -6.54 24.35
C TYR B 16 22.56 -5.93 25.73
N VAL B 17 21.91 -6.51 26.74
CA VAL B 17 22.06 -6.06 28.11
C VAL B 17 21.92 -7.24 29.05
N LEU B 18 22.80 -7.31 30.05
CA LEU B 18 22.77 -8.42 31.01
C LEU B 18 23.62 -8.12 32.24
N PHE B 19 23.22 -8.67 33.38
CA PHE B 19 24.00 -8.50 34.61
C PHE B 19 25.37 -9.14 34.42
N LYS B 20 26.42 -8.35 34.63
CA LYS B 20 27.79 -8.83 34.48
C LYS B 20 28.12 -9.86 35.57
N LYS B 21 28.94 -10.87 35.23
CA LYS B 21 29.28 -11.90 36.20
C LYS B 21 30.70 -11.80 36.77
N SER B 22 30.79 -11.73 38.09
CA SER B 22 32.08 -11.73 38.78
C SER B 22 31.96 -12.47 40.11
N ASP B 23 32.92 -12.27 41.00
CA ASP B 23 32.89 -12.93 42.30
C ASP B 23 32.43 -12.00 43.43
N LYS B 24 32.43 -10.69 43.17
CA LYS B 24 31.97 -9.70 44.16
C LYS B 24 30.74 -8.94 43.64
N PRO B 25 29.91 -8.41 44.55
CA PRO B 25 28.74 -7.62 44.15
C PRO B 25 29.11 -6.32 43.43
N LEU B 26 28.41 -6.04 42.33
CA LEU B 26 28.58 -4.82 41.57
C LEU B 26 27.36 -3.92 41.77
N TYR B 27 27.56 -2.60 41.72
CA TYR B 27 26.45 -1.67 41.96
C TYR B 27 26.37 -0.47 40.97
N GLY B 28 25.19 0.15 40.85
CA GLY B 28 24.94 1.16 39.83
C GLY B 28 25.17 0.60 38.44
N ASN B 29 25.78 1.40 37.58
CA ASN B 29 25.96 1.02 36.18
C ASN B 29 26.96 -0.11 35.90
N ASP B 30 27.70 -0.54 36.92
CA ASP B 30 28.68 -1.59 36.75
C ASP B 30 27.97 -2.93 36.68
N ARG B 31 26.74 -2.94 37.17
CA ARG B 31 25.94 -4.15 37.16
C ARG B 31 25.80 -4.72 35.75
N PHE B 32 26.00 -3.87 34.73
CA PHE B 32 25.62 -4.22 33.36
C PHE B 32 26.75 -4.26 32.35
N GLU B 33 26.65 -5.23 31.44
CA GLU B 33 27.53 -5.33 30.28
C GLU B 33 26.65 -5.68 29.11
N GLY B 34 27.22 -5.73 27.91
CA GLY B 34 26.46 -6.11 26.73
C GLY B 34 26.59 -5.09 25.62
N TYR B 35 26.35 -5.53 24.40
CA TYR B 35 26.40 -4.67 23.22
C TYR B 35 25.79 -3.29 23.42
N CYS B 36 24.60 -3.21 24.00
CA CYS B 36 23.95 -1.91 24.17
C CYS B 36 24.66 -1.08 25.24
N ILE B 37 25.16 -1.76 26.26
CA ILE B 37 25.96 -1.12 27.29
C ILE B 37 27.22 -0.51 26.67
N ASP B 38 27.91 -1.27 25.81
CA ASP B 38 29.10 -0.75 25.13
C ASP B 38 28.70 0.47 24.32
N LEU B 39 27.62 0.33 23.56
CA LEU B 39 27.08 1.42 22.73
C LEU B 39 26.76 2.62 23.59
N LEU B 40 26.02 2.41 24.66
CA LEU B 40 25.67 3.52 25.54
C LEU B 40 26.93 4.29 25.92
N ARG B 41 27.95 3.53 26.32
CA ARG B 41 29.23 4.10 26.72
C ARG B 41 29.83 4.96 25.61
N GLU B 42 29.90 4.43 24.39
CA GLU B 42 30.48 5.16 23.27
C GLU B 42 29.72 6.46 22.99
N LEU B 43 28.40 6.41 23.01
CA LEU B 43 27.62 7.62 22.85
C LEU B 43 27.95 8.57 23.98
N SER B 44 27.98 8.00 25.18
CA SER B 44 28.31 8.75 26.39
C SER B 44 29.54 9.62 26.18
N THR B 45 30.61 9.01 25.67
CA THR B 45 31.83 9.69 25.32
C THR B 45 31.63 10.79 24.28
N ILE B 46 31.19 10.40 23.10
CA ILE B 46 31.10 11.30 21.96
C ILE B 46 30.26 12.56 22.18
N LEU B 47 29.21 12.44 23.00
CA LEU B 47 28.28 13.55 23.15
C LEU B 47 28.43 14.18 24.51
N GLY B 48 29.31 13.60 25.32
CA GLY B 48 29.62 14.11 26.64
C GLY B 48 28.43 14.22 27.54
N PHE B 49 27.88 13.09 27.92
CA PHE B 49 26.83 13.09 28.95
C PHE B 49 27.10 12.02 30.00
N THR B 50 26.58 12.24 31.19
CA THR B 50 26.61 11.22 32.22
C THR B 50 25.22 10.60 32.22
N TYR B 51 25.12 9.35 32.68
CA TYR B 51 23.86 8.65 32.59
C TYR B 51 23.65 7.63 33.70
N GLU B 52 22.40 7.47 34.12
CA GLU B 52 22.03 6.42 35.05
C GLU B 52 21.15 5.38 34.35
N ILE B 53 21.60 4.12 34.36
CA ILE B 53 20.87 3.00 33.78
C ILE B 53 19.78 2.46 34.71
N ARG B 54 18.54 2.44 34.22
CA ARG B 54 17.42 1.82 34.91
C ARG B 54 16.77 0.77 34.02
N LEU B 55 16.51 -0.40 34.60
CA LEU B 55 15.71 -1.40 33.93
C LEU B 55 14.25 -0.99 33.94
N VAL B 56 13.63 -0.99 32.75
CA VAL B 56 12.19 -0.70 32.65
C VAL B 56 11.40 -1.58 33.61
N GLU B 57 10.53 -0.94 34.40
CA GLU B 57 9.84 -1.58 35.53
C GLU B 57 8.82 -2.70 35.22
N ASP B 58 8.01 -2.53 34.16
CA ASP B 58 7.03 -3.55 33.79
C ASP B 58 7.66 -4.67 32.94
N GLY B 59 8.85 -4.40 32.41
CA GLY B 59 9.61 -5.43 31.73
C GLY B 59 9.22 -5.61 30.28
N LYS B 60 8.62 -4.57 29.70
CA LYS B 60 8.11 -4.66 28.33
C LYS B 60 8.70 -3.60 27.42
N TYR B 61 8.76 -3.90 26.12
CA TYR B 61 9.37 -2.97 25.17
C TYR B 61 8.47 -1.78 24.89
N GLY B 62 7.28 -2.06 24.36
CA GLY B 62 6.35 -1.00 24.06
C GLY B 62 5.25 -1.45 23.14
N ALA B 63 4.03 -1.52 23.68
CA ALA B 63 2.85 -1.83 22.89
C ALA B 63 1.70 -1.00 23.41
N GLN B 64 0.70 -0.82 22.55
CA GLN B 64 -0.44 0.00 22.91
C GLN B 64 -1.73 -0.80 23.14
N ASP B 65 -2.28 -0.76 24.36
CA ASP B 65 -3.54 -1.46 24.58
C ASP B 65 -4.60 -1.00 23.58
N ASP B 66 -5.31 -1.97 23.00
CA ASP B 66 -6.28 -1.70 21.93
C ASP B 66 -7.60 -1.05 22.39
N VAL B 67 -7.89 -1.15 23.69
CA VAL B 67 -9.04 -0.46 24.25
C VAL B 67 -8.70 0.97 24.69
N ASN B 68 -7.94 1.11 25.78
CA ASN B 68 -7.67 2.40 26.41
C ASN B 68 -6.63 3.26 25.69
N GLY B 69 -5.94 2.67 24.72
CA GLY B 69 -4.96 3.39 23.92
C GLY B 69 -3.68 3.74 24.67
N GLN B 70 -3.47 3.05 25.79
CA GLN B 70 -2.32 3.31 26.66
C GLN B 70 -1.09 2.57 26.16
N TRP B 71 0.08 3.17 26.36
CA TRP B 71 1.34 2.49 26.05
C TRP B 71 2.01 1.89 27.29
N ASN B 72 2.77 0.83 27.10
CA ASN B 72 3.51 0.25 28.22
C ASN B 72 5.01 0.21 27.95
N GLY B 73 5.75 -0.29 28.93
CA GLY B 73 7.17 -0.52 28.76
C GLY B 73 8.01 0.70 28.47
N MET B 74 9.17 0.45 27.85
CA MET B 74 10.13 1.51 27.61
C MET B 74 9.49 2.67 26.84
N VAL B 75 8.65 2.34 25.87
CA VAL B 75 8.04 3.39 25.06
C VAL B 75 7.23 4.29 25.96
N ARG B 76 6.45 3.69 26.85
CA ARG B 76 5.67 4.47 27.79
C ARG B 76 6.58 5.43 28.56
N GLU B 77 7.62 4.89 29.19
CA GLU B 77 8.59 5.69 29.95
C GLU B 77 9.12 6.91 29.20
N LEU B 78 9.37 6.72 27.91
CA LEU B 78 9.84 7.82 27.07
C LEU B 78 8.76 8.88 26.88
N ILE B 79 7.56 8.42 26.61
CA ILE B 79 6.42 9.29 26.43
C ILE B 79 6.20 10.17 27.65
N ASP B 80 6.33 9.57 28.82
CA ASP B 80 6.10 10.27 30.09
C ASP B 80 7.30 11.11 30.56
N HIS B 81 8.35 11.16 29.75
CA HIS B 81 9.57 11.85 30.12
C HIS B 81 10.15 11.32 31.44
N LYS B 82 9.85 10.05 31.72
CA LYS B 82 10.40 9.37 32.89
C LYS B 82 11.80 8.86 32.61
N ALA B 83 12.20 8.90 31.34
CA ALA B 83 13.55 8.51 30.92
C ALA B 83 13.94 9.33 29.72
N ASP B 84 15.24 9.51 29.51
CA ASP B 84 15.71 10.41 28.47
C ASP B 84 16.03 9.64 27.21
N LEU B 85 16.46 8.41 27.41
CA LEU B 85 16.85 7.56 26.30
C LEU B 85 16.44 6.12 26.59
N ALA B 86 16.05 5.40 25.54
CA ALA B 86 15.86 3.98 25.65
C ALA B 86 16.94 3.33 24.79
N VAL B 87 17.85 2.62 25.44
CA VAL B 87 18.91 1.95 24.70
C VAL B 87 18.74 0.46 24.88
N ALA B 88 18.15 -0.18 23.86
CA ALA B 88 17.87 -1.60 23.90
C ALA B 88 17.72 -2.15 22.47
N PRO B 89 17.43 -3.45 22.33
CA PRO B 89 17.14 -3.94 20.98
C PRO B 89 15.71 -3.52 20.62
N LEU B 90 15.46 -2.21 20.69
CA LEU B 90 14.13 -1.65 20.47
C LEU B 90 13.93 -1.41 18.98
N ALA B 91 12.89 -2.03 18.42
CA ALA B 91 12.66 -1.98 16.98
C ALA B 91 12.00 -0.67 16.54
N ILE B 92 12.56 -0.07 15.50
CA ILE B 92 11.96 1.09 14.85
C ILE B 92 10.78 0.61 13.98
N THR B 93 9.57 0.77 14.52
CA THR B 93 8.32 0.38 13.89
C THR B 93 7.50 1.64 13.67
N TYR B 94 6.60 1.64 12.68
CA TYR B 94 5.90 2.90 12.40
C TYR B 94 4.88 3.27 13.48
N VAL B 95 4.25 2.27 14.09
CA VAL B 95 3.30 2.56 15.18
C VAL B 95 4.01 3.24 16.34
N ARG B 96 5.29 2.92 16.52
CA ARG B 96 6.08 3.53 17.57
C ARG B 96 6.57 4.93 17.17
N GLU B 97 7.00 5.09 15.92
CA GLU B 97 7.44 6.42 15.47
C GLU B 97 6.31 7.42 15.65
N LYS B 98 5.09 6.91 15.80
CA LYS B 98 3.93 7.76 16.06
C LYS B 98 3.83 8.27 17.49
N VAL B 99 4.77 7.92 18.35
CA VAL B 99 4.68 8.43 19.73
C VAL B 99 6.03 8.85 20.32
N ILE B 100 7.11 8.23 19.84
CA ILE B 100 8.46 8.61 20.29
C ILE B 100 9.33 8.88 19.06
N ASP B 101 10.55 9.37 19.28
CA ASP B 101 11.53 9.49 18.20
C ASP B 101 12.57 8.35 18.29
N PHE B 102 13.27 8.12 17.20
CA PHE B 102 14.29 7.08 17.16
C PHE B 102 15.51 7.64 16.46
N SER B 103 16.71 7.37 16.98
CA SER B 103 17.93 7.54 16.19
C SER B 103 17.85 6.66 14.93
N LYS B 104 18.61 7.00 13.90
CA LYS B 104 18.76 6.10 12.77
C LYS B 104 19.25 4.79 13.37
N PRO B 105 19.06 3.68 12.64
CA PRO B 105 19.32 2.35 13.21
C PRO B 105 20.81 2.10 13.47
N PHE B 106 21.14 1.49 14.60
CA PHE B 106 22.51 1.05 14.81
C PHE B 106 22.68 -0.41 14.38
N MET B 107 21.56 -1.03 14.02
CA MET B 107 21.53 -2.42 13.53
C MET B 107 20.33 -2.61 12.60
N THR B 108 20.52 -3.24 11.45
CA THR B 108 19.35 -3.65 10.65
C THR B 108 19.13 -5.16 10.70
N LEU B 109 17.88 -5.55 10.95
CA LEU B 109 17.53 -6.95 11.05
C LEU B 109 16.25 -7.24 10.26
N GLY B 110 15.52 -8.25 10.72
CA GLY B 110 14.27 -8.65 10.10
C GLY B 110 13.65 -9.79 10.86
N ILE B 111 12.33 -9.90 10.80
CA ILE B 111 11.64 -11.04 11.38
C ILE B 111 11.97 -12.31 10.59
N SER B 112 12.15 -13.41 11.31
CA SER B 112 12.38 -14.69 10.67
C SER B 112 11.94 -15.84 11.55
N ILE B 113 12.31 -17.05 11.18
CA ILE B 113 11.83 -18.24 11.86
C ILE B 113 12.93 -19.03 12.53
N LEU B 114 12.69 -19.41 13.77
CA LEU B 114 13.58 -20.31 14.48
C LEU B 114 12.91 -21.65 14.62
N TYR B 115 13.49 -22.67 14.01
CA TYR B 115 12.97 -24.03 14.08
C TYR B 115 14.13 -25.04 14.12
N ARG B 116 13.78 -26.32 14.26
CA ARG B 116 14.72 -27.43 14.26
C ARG B 116 15.19 -27.75 12.84
N LYS B 117 16.44 -28.22 12.71
CA LYS B 117 17.00 -28.55 11.40
C LYS B 117 16.34 -29.78 10.78
N GLY B 118 16.32 -29.84 9.44
CA GLY B 118 15.94 -31.05 8.72
C GLY B 118 14.46 -31.31 8.61
N THR B 119 13.64 -30.30 8.83
CA THR B 119 12.21 -30.43 8.56
C THR B 119 11.96 -29.99 7.14
N PRO B 120 10.80 -30.36 6.60
CA PRO B 120 10.40 -29.98 5.24
C PRO B 120 10.05 -28.49 5.19
N ILE B 121 9.80 -27.89 6.35
CA ILE B 121 9.48 -26.47 6.44
C ILE B 121 10.61 -25.63 5.86
N ASP B 122 10.27 -24.63 5.04
CA ASP B 122 11.28 -23.87 4.32
C ASP B 122 10.92 -22.38 4.18
N SER B 123 9.80 -21.99 4.79
CA SER B 123 9.30 -20.64 4.63
C SER B 123 8.11 -20.39 5.54
N ALA B 124 7.77 -19.11 5.70
CA ALA B 124 6.60 -18.72 6.47
C ALA B 124 5.32 -19.36 5.91
N ASP B 125 5.22 -19.43 4.59
CA ASP B 125 4.06 -20.04 3.95
C ASP B 125 3.84 -21.50 4.38
N ASP B 126 4.92 -22.29 4.36
CA ASP B 126 4.87 -23.70 4.74
C ASP B 126 4.32 -23.89 6.14
N LEU B 127 4.53 -22.89 6.99
CA LEU B 127 4.00 -22.87 8.34
C LEU B 127 2.52 -22.55 8.36
N ALA B 128 2.17 -21.51 7.60
CA ALA B 128 0.81 -20.98 7.58
C ALA B 128 -0.15 -22.09 7.22
N LYS B 129 0.12 -22.73 6.08
CA LYS B 129 -0.81 -23.67 5.47
C LYS B 129 -0.93 -25.03 6.14
N GLN B 130 -0.58 -25.11 7.42
CA GLN B 130 -0.72 -26.34 8.20
C GLN B 130 -1.00 -26.01 9.66
N THR B 131 -1.17 -27.04 10.49
CA THR B 131 -1.53 -26.80 11.90
C THR B 131 -0.80 -27.70 12.90
N LYS B 132 -0.24 -28.81 12.42
CA LYS B 132 0.52 -29.70 13.30
C LYS B 132 1.57 -28.91 14.06
N ILE B 133 2.53 -28.34 13.32
CA ILE B 133 3.55 -27.47 13.91
C ILE B 133 2.97 -26.12 14.30
N GLU B 134 2.99 -25.84 15.59
CA GLU B 134 2.49 -24.57 16.06
C GLU B 134 3.54 -23.49 15.88
N TYR B 135 3.15 -22.24 16.09
CA TYR B 135 4.09 -21.14 16.00
C TYR B 135 3.59 -19.92 16.74
N GLY B 136 4.50 -18.99 17.06
CA GLY B 136 4.16 -17.83 17.85
C GLY B 136 5.30 -16.81 17.93
N ALA B 137 5.12 -15.83 18.79
CA ALA B 137 6.08 -14.73 18.88
C ALA B 137 6.03 -14.18 20.27
N VAL B 138 6.91 -13.23 20.58
CA VAL B 138 6.81 -12.58 21.87
C VAL B 138 5.56 -11.71 21.89
N GLU B 139 4.69 -11.97 22.86
CA GLU B 139 3.43 -11.24 23.03
C GLU B 139 3.66 -9.75 23.31
N ASP B 140 2.98 -8.88 22.55
CA ASP B 140 3.18 -7.42 22.66
C ASP B 140 4.54 -6.98 22.09
N GLY B 141 5.17 -7.87 21.34
CA GLY B 141 6.42 -7.55 20.68
C GLY B 141 6.19 -6.77 19.40
N ALA B 142 7.29 -6.37 18.77
CA ALA B 142 7.24 -5.74 17.48
C ALA B 142 6.83 -6.78 16.46
N THR B 143 7.44 -7.95 16.61
CA THR B 143 7.21 -9.09 15.74
C THR B 143 5.75 -9.53 15.76
N MET B 144 5.18 -9.70 16.94
CA MET B 144 3.76 -9.99 17.02
C MET B 144 2.95 -8.89 16.33
N THR B 145 3.16 -7.65 16.74
CA THR B 145 2.45 -6.53 16.12
C THR B 145 2.49 -6.56 14.60
N PHE B 146 3.63 -6.97 14.03
CA PHE B 146 3.75 -7.01 12.59
C PHE B 146 2.64 -7.87 11.98
N PHE B 147 2.42 -9.04 12.58
CA PHE B 147 1.42 -9.95 12.07
C PHE B 147 -0.01 -9.44 12.31
N LYS B 148 -0.23 -8.93 13.51
CA LYS B 148 -1.53 -8.35 13.85
C LYS B 148 -1.92 -7.23 12.88
N LYS B 149 -0.95 -6.42 12.46
CA LYS B 149 -1.21 -5.31 11.56
C LYS B 149 -1.08 -5.68 10.08
N SER B 150 -0.84 -6.94 9.75
CA SER B 150 -0.49 -7.25 8.38
C SER B 150 -1.68 -7.67 7.56
N LYS B 151 -1.72 -7.17 6.32
CA LYS B 151 -2.78 -7.44 5.37
C LYS B 151 -2.22 -8.37 4.29
N ILE B 152 -1.02 -8.89 4.50
CA ILE B 152 -0.50 -9.86 3.54
C ILE B 152 -1.15 -11.24 3.74
N SER B 153 -1.61 -11.82 2.64
CA SER B 153 -2.31 -13.08 2.66
C SER B 153 -1.72 -14.04 3.70
N THR B 154 -0.49 -14.48 3.46
CA THR B 154 0.17 -15.46 4.33
C THR B 154 0.20 -15.06 5.81
N TYR B 155 0.56 -13.81 6.10
CA TYR B 155 0.75 -13.40 7.48
C TYR B 155 -0.55 -13.14 8.24
N ASP B 156 -1.59 -12.73 7.50
CA ASP B 156 -2.91 -12.60 8.09
C ASP B 156 -3.35 -13.98 8.57
N LYS B 157 -3.10 -14.96 7.71
CA LYS B 157 -3.37 -16.36 8.02
C LYS B 157 -2.68 -16.74 9.33
N MET B 158 -1.38 -16.51 9.38
CA MET B 158 -0.57 -16.86 10.54
C MET B 158 -0.99 -16.09 11.77
N TRP B 159 -1.48 -14.87 11.57
CA TRP B 159 -1.96 -14.11 12.70
C TRP B 159 -3.24 -14.74 13.23
N ALA B 160 -4.18 -14.99 12.32
CA ALA B 160 -5.43 -15.66 12.65
C ALA B 160 -5.15 -16.89 13.51
N PHE B 161 -4.16 -17.67 13.10
CA PHE B 161 -3.73 -18.86 13.82
C PHE B 161 -3.33 -18.49 15.25
N MET B 162 -2.45 -17.51 15.41
CA MET B 162 -1.90 -17.19 16.73
C MET B 162 -2.92 -16.56 17.67
N SER B 163 -3.68 -15.59 17.17
CA SER B 163 -4.59 -14.84 18.03
C SER B 163 -5.68 -15.75 18.56
N SER B 164 -5.88 -16.89 17.89
CA SER B 164 -6.85 -17.88 18.32
C SER B 164 -6.29 -18.84 19.38
N ARG B 165 -4.96 -18.92 19.48
CA ARG B 165 -4.34 -19.77 20.49
C ARG B 165 -3.35 -18.94 21.31
N ARG B 166 -3.62 -17.64 21.37
CA ARG B 166 -2.69 -16.69 21.95
C ARG B 166 -2.10 -17.16 23.29
N GLN B 167 -2.92 -17.80 24.12
CA GLN B 167 -2.50 -18.31 25.42
C GLN B 167 -1.32 -19.29 25.34
N SER B 168 -1.35 -20.20 24.37
CA SER B 168 -0.40 -21.32 24.30
C SER B 168 0.73 -21.18 23.28
N VAL B 169 0.61 -20.22 22.37
CA VAL B 169 1.64 -20.04 21.34
C VAL B 169 2.34 -18.68 21.40
N LEU B 170 1.74 -17.74 22.13
CA LEU B 170 2.40 -16.46 22.37
C LEU B 170 3.16 -16.51 23.69
N VAL B 171 4.46 -16.29 23.61
CA VAL B 171 5.33 -16.39 24.77
C VAL B 171 5.67 -15.01 25.33
N LYS B 172 6.24 -14.99 26.54
CA LYS B 172 6.53 -13.74 27.23
C LYS B 172 7.99 -13.25 27.13
N SER B 173 8.84 -14.05 26.49
CA SER B 173 10.24 -13.68 26.34
C SER B 173 10.90 -14.50 25.24
N ASN B 174 11.92 -13.93 24.61
CA ASN B 174 12.70 -14.66 23.63
C ASN B 174 13.22 -16.00 24.18
N GLU B 175 13.50 -16.03 25.47
CA GLU B 175 14.03 -17.24 26.07
C GLU B 175 12.97 -18.32 26.09
N GLU B 176 11.79 -17.95 26.57
CA GLU B 176 10.65 -18.86 26.65
C GLU B 176 10.23 -19.38 25.26
N GLY B 177 10.40 -18.54 24.26
CA GLY B 177 10.08 -18.91 22.89
C GLY B 177 11.04 -19.96 22.37
N ILE B 178 12.32 -19.82 22.73
CA ILE B 178 13.32 -20.79 22.33
C ILE B 178 13.09 -22.12 23.04
N GLN B 179 12.72 -22.01 24.31
CA GLN B 179 12.41 -23.17 25.13
C GLN B 179 11.24 -23.97 24.59
N ARG B 180 10.26 -23.30 24.01
CA ARG B 180 9.15 -23.97 23.34
C ARG B 180 9.64 -24.74 22.12
N VAL B 181 10.50 -24.10 21.32
CA VAL B 181 11.01 -24.73 20.11
C VAL B 181 11.75 -26.00 20.46
N LEU B 182 12.43 -25.97 21.60
CA LEU B 182 13.29 -27.06 22.00
C LEU B 182 12.58 -28.13 22.79
N THR B 183 11.32 -27.90 23.13
CA THR B 183 10.60 -28.88 23.93
C THR B 183 9.22 -29.24 23.42
N SER B 184 8.99 -28.97 22.13
CA SER B 184 7.70 -29.29 21.50
C SER B 184 7.76 -29.01 20.01
N ASP B 185 6.71 -29.39 19.29
CA ASP B 185 6.68 -29.17 17.85
C ASP B 185 6.28 -27.73 17.57
N TYR B 186 7.25 -26.83 17.67
CA TYR B 186 6.98 -25.40 17.66
C TYR B 186 8.06 -24.66 16.89
N ALA B 187 7.64 -23.67 16.09
CA ALA B 187 8.54 -22.79 15.36
C ALA B 187 8.32 -21.37 15.87
N PHE B 188 9.41 -20.65 16.13
CA PHE B 188 9.33 -19.34 16.77
C PHE B 188 9.61 -18.21 15.79
N LEU B 189 8.85 -17.13 15.90
CA LEU B 189 9.05 -15.95 15.09
C LEU B 189 9.80 -14.93 15.94
N MET B 190 11.10 -14.80 15.67
CA MET B 190 11.92 -13.83 16.38
C MET B 190 12.77 -13.04 15.41
N GLU B 191 13.52 -12.09 15.94
CA GLU B 191 14.30 -11.24 15.09
C GLU B 191 15.56 -11.95 14.65
N SER B 192 16.00 -11.66 13.43
CA SER B 192 17.07 -12.40 12.77
C SER B 192 18.37 -12.35 13.56
N THR B 193 18.71 -11.16 14.06
CA THR B 193 19.91 -10.98 14.86
C THR B 193 19.89 -11.87 16.09
N THR B 194 18.77 -11.90 16.79
CA THR B 194 18.67 -12.77 17.97
C THR B 194 18.72 -14.25 17.56
N ILE B 195 18.14 -14.61 16.42
CA ILE B 195 18.23 -15.99 15.91
C ILE B 195 19.69 -16.34 15.67
N GLU B 196 20.35 -15.46 14.93
CA GLU B 196 21.78 -15.56 14.64
C GLU B 196 22.64 -15.80 15.88
N PHE B 197 22.20 -15.28 17.02
CA PHE B 197 22.91 -15.47 18.28
C PHE B 197 22.61 -16.84 18.88
N VAL B 198 21.33 -17.21 18.86
CA VAL B 198 20.84 -18.45 19.46
C VAL B 198 21.34 -19.71 18.72
N THR B 199 21.42 -19.63 17.39
CA THR B 199 21.82 -20.76 16.57
C THR B 199 23.29 -21.13 16.73
N GLN B 200 23.97 -20.46 17.65
CA GLN B 200 25.35 -20.80 17.99
C GLN B 200 25.37 -21.57 19.29
N ARG B 201 24.61 -21.09 20.27
CA ARG B 201 24.50 -21.75 21.58
C ARG B 201 23.63 -23.03 21.55
N ASN B 202 22.85 -23.20 20.47
CA ASN B 202 21.98 -24.36 20.31
C ASN B 202 22.16 -24.95 18.92
N CYS B 203 22.78 -26.12 18.85
CA CYS B 203 23.27 -26.61 17.58
C CYS B 203 22.25 -27.39 16.74
N ASN B 204 21.07 -27.63 17.30
CA ASN B 204 20.00 -28.28 16.53
C ASN B 204 18.93 -27.34 15.96
N LEU B 205 19.10 -26.04 16.19
CA LEU B 205 18.18 -25.05 15.67
C LEU B 205 18.73 -24.37 14.43
N THR B 206 17.87 -23.69 13.70
CA THR B 206 18.30 -23.01 12.49
C THR B 206 17.28 -21.96 12.08
N GLN B 207 17.70 -21.05 11.21
CA GLN B 207 16.75 -20.11 10.68
C GLN B 207 16.08 -20.68 9.46
N ILE B 208 14.76 -20.79 9.55
CA ILE B 208 13.97 -21.25 8.42
C ILE B 208 13.64 -20.08 7.53
N GLY B 209 13.90 -20.27 6.24
CA GLY B 209 13.61 -19.24 5.25
C GLY B 209 14.44 -17.98 5.41
N GLY B 210 13.95 -16.89 4.85
CA GLY B 210 14.69 -15.65 4.86
C GLY B 210 14.12 -14.64 5.83
N LEU B 211 14.49 -13.39 5.65
CA LEU B 211 13.92 -12.31 6.43
C LEU B 211 12.51 -12.03 5.93
N ILE B 212 11.56 -12.02 6.85
CA ILE B 212 10.17 -11.74 6.50
C ILE B 212 9.92 -10.25 6.21
N ASP B 213 10.50 -9.36 7.02
CA ASP B 213 10.48 -7.92 6.76
C ASP B 213 11.87 -7.32 6.98
N SER B 214 11.95 -6.02 7.24
CA SER B 214 13.25 -5.37 7.35
C SER B 214 13.25 -4.15 8.27
N LYS B 215 13.31 -4.37 9.57
CA LYS B 215 13.35 -3.25 10.51
C LYS B 215 14.79 -3.01 10.99
N GLY B 216 14.98 -1.97 11.80
CA GLY B 216 16.22 -1.76 12.52
C GLY B 216 15.98 -1.57 14.02
N TYR B 217 17.07 -1.53 14.78
CA TYR B 217 17.03 -1.06 16.17
C TYR B 217 17.54 0.37 16.25
N GLY B 218 16.92 1.18 17.10
CA GLY B 218 17.31 2.56 17.24
C GLY B 218 17.31 2.97 18.69
N VAL B 219 17.90 4.12 19.00
CA VAL B 219 17.86 4.62 20.36
C VAL B 219 16.58 5.40 20.51
N GLY B 220 15.81 5.04 21.53
CA GLY B 220 14.53 5.68 21.79
C GLY B 220 14.66 6.98 22.56
N THR B 221 14.11 8.05 22.00
CA THR B 221 14.03 9.35 22.70
C THR B 221 12.58 9.80 22.73
N PRO B 222 12.20 10.56 23.79
CA PRO B 222 10.87 11.18 23.81
C PRO B 222 10.73 12.02 22.56
N MET B 223 9.51 12.20 22.08
CA MET B 223 9.31 12.95 20.85
C MET B 223 9.74 14.41 20.99
N GLY B 224 10.49 14.88 20.01
CA GLY B 224 10.95 16.25 20.01
C GLY B 224 12.29 16.45 20.70
N SER B 225 12.93 15.34 21.07
CA SER B 225 14.19 15.36 21.82
C SER B 225 15.39 15.71 20.95
N PRO B 226 16.30 16.51 21.52
CA PRO B 226 17.57 17.07 21.03
C PRO B 226 18.59 15.97 20.76
N TYR B 227 18.45 14.91 21.54
CA TYR B 227 19.38 13.81 21.46
C TYR B 227 19.10 12.91 20.25
N ARG B 228 17.88 12.93 19.72
CA ARG B 228 17.57 12.12 18.55
C ARG B 228 18.55 12.43 17.42
N LYS B 229 18.70 13.71 17.10
CA LYS B 229 19.65 14.08 16.07
C LYS B 229 21.12 13.84 16.53
N LYS B 230 21.44 14.21 17.76
CA LYS B 230 22.81 14.08 18.26
C LYS B 230 23.25 12.63 18.20
N ILE B 231 22.38 11.76 18.71
CA ILE B 231 22.64 10.34 18.76
C ILE B 231 22.66 9.71 17.36
N THR B 232 21.87 10.27 16.45
CA THR B 232 21.91 9.80 15.07
C THR B 232 23.28 10.08 14.46
N ILE B 233 23.81 11.27 14.74
CA ILE B 233 25.13 11.62 14.24
C ILE B 233 26.20 10.73 14.83
N ALA B 234 26.13 10.54 16.15
CA ALA B 234 27.09 9.70 16.85
C ALA B 234 27.09 8.27 16.30
N ILE B 235 25.89 7.76 15.96
CA ILE B 235 25.77 6.38 15.47
C ILE B 235 26.33 6.27 14.06
N LEU B 236 26.03 7.27 13.25
CA LEU B 236 26.51 7.29 11.89
C LEU B 236 28.04 7.23 11.86
N GLN B 237 28.66 7.97 12.80
CA GLN B 237 30.12 7.97 12.95
C GLN B 237 30.56 6.58 13.35
N LEU B 238 29.92 6.02 14.36
CA LEU B 238 30.31 4.70 14.84
C LEU B 238 30.25 3.61 13.74
N GLN B 239 29.26 3.69 12.84
CA GLN B 239 29.16 2.76 11.73
C GLN B 239 30.34 2.97 10.80
N GLU B 240 30.61 4.24 10.51
CA GLU B 240 31.57 4.63 9.48
C GLU B 240 32.99 4.30 9.88
N GLU B 241 33.22 4.18 11.18
CA GLU B 241 34.57 3.87 11.65
C GLU B 241 34.73 2.42 12.13
N GLY B 242 33.74 1.58 11.84
CA GLY B 242 33.86 0.15 12.05
C GLY B 242 33.57 -0.32 13.46
N LYS B 243 33.25 0.62 14.35
CA LYS B 243 33.13 0.31 15.77
C LYS B 243 31.89 -0.51 16.02
N LEU B 244 30.83 -0.21 15.29
CA LEU B 244 29.61 -0.97 15.43
C LEU B 244 29.80 -2.42 14.96
N HIS B 245 30.50 -2.59 13.84
CA HIS B 245 30.80 -3.94 13.38
C HIS B 245 31.63 -4.70 14.40
N MET B 246 32.69 -4.07 14.87
CA MET B 246 33.53 -4.66 15.90
C MET B 246 32.73 -5.08 17.13
N MET B 247 31.81 -4.22 17.56
CA MET B 247 30.96 -4.48 18.73
C MET B 247 30.09 -5.70 18.57
N LYS B 248 29.59 -5.93 17.35
CA LYS B 248 28.78 -7.11 17.10
C LYS B 248 29.65 -8.36 17.12
N GLU B 249 30.79 -8.30 16.43
CA GLU B 249 31.80 -9.37 16.49
C GLU B 249 31.99 -9.81 17.91
N LYS B 250 32.24 -8.82 18.76
CA LYS B 250 32.52 -9.03 20.18
C LYS B 250 31.43 -9.78 20.94
N TRP B 251 30.16 -9.46 20.70
CA TRP B 251 29.08 -10.06 21.48
C TRP B 251 28.37 -11.30 20.86
N TRP B 252 28.70 -11.60 19.60
CA TRP B 252 28.15 -12.74 18.83
C TRP B 252 29.19 -13.83 18.56
N SER C 5 -37.40 -21.93 3.25
CA SER C 5 -37.78 -20.52 3.42
C SER C 5 -36.69 -19.71 4.14
N LEU C 6 -36.16 -18.68 3.46
CA LEU C 6 -34.95 -17.97 3.89
C LEU C 6 -35.17 -16.93 4.97
N ILE C 7 -34.34 -16.95 6.01
CA ILE C 7 -34.36 -15.89 7.03
C ILE C 7 -33.53 -14.68 6.60
N VAL C 8 -34.18 -13.56 6.32
CA VAL C 8 -33.44 -12.37 5.91
C VAL C 8 -33.30 -11.37 7.04
N THR C 9 -32.06 -11.14 7.47
CA THR C 9 -31.82 -10.08 8.45
C THR C 9 -31.71 -8.71 7.76
N THR C 10 -32.11 -7.67 8.48
CA THR C 10 -32.06 -6.34 7.94
C THR C 10 -32.20 -5.35 9.09
N ILE C 11 -32.45 -4.08 8.77
CA ILE C 11 -32.39 -3.03 9.76
C ILE C 11 -33.04 -1.73 9.25
N LEU C 12 -33.73 -1.02 10.13
CA LEU C 12 -34.44 0.19 9.73
C LEU C 12 -33.48 1.28 9.25
N GLU C 13 -33.73 1.82 8.07
CA GLU C 13 -32.89 2.89 7.55
C GLU C 13 -33.48 3.51 6.29
N GLU C 14 -34.00 4.74 6.42
CA GLU C 14 -34.62 5.48 5.31
C GLU C 14 -33.63 5.77 4.18
N PRO C 15 -34.02 5.48 2.94
CA PRO C 15 -35.27 4.86 2.49
C PRO C 15 -35.09 3.36 2.19
N TYR C 16 -34.05 2.73 2.75
CA TYR C 16 -33.73 1.34 2.42
C TYR C 16 -34.72 0.38 3.04
N VAL C 17 -35.00 0.58 4.33
CA VAL C 17 -35.98 -0.24 5.02
C VAL C 17 -36.69 0.60 6.08
N LEU C 18 -38.02 0.48 6.16
CA LEU C 18 -38.80 1.26 7.11
C LEU C 18 -40.22 0.73 7.27
N PHE C 19 -40.78 0.89 8.47
CA PHE C 19 -42.16 0.45 8.71
C PHE C 19 -43.15 1.20 7.86
N LYS C 20 -44.03 0.41 7.23
CA LYS C 20 -45.17 0.91 6.48
C LYS C 20 -46.10 1.59 7.47
N LYS C 21 -46.69 2.71 7.02
CA LYS C 21 -47.53 3.54 7.89
C LYS C 21 -49.02 3.33 7.68
N SER C 22 -49.65 2.68 8.66
CA SER C 22 -51.06 2.35 8.57
C SER C 22 -51.77 2.56 9.90
N ASP C 23 -53.09 2.64 9.83
CA ASP C 23 -53.93 2.66 11.02
C ASP C 23 -54.00 1.27 11.66
N LYS C 24 -54.40 0.27 10.88
CA LYS C 24 -54.46 -1.12 11.34
C LYS C 24 -53.08 -1.74 11.46
N PRO C 25 -52.80 -2.39 12.58
CA PRO C 25 -51.51 -3.04 12.84
C PRO C 25 -51.18 -4.08 11.77
N LEU C 26 -49.93 -4.10 11.31
CA LEU C 26 -49.49 -4.98 10.22
C LEU C 26 -48.77 -6.25 10.71
N TYR C 27 -48.76 -7.28 9.88
CA TYR C 27 -48.20 -8.56 10.33
C TYR C 27 -47.26 -9.19 9.33
N GLY C 28 -46.09 -9.54 9.82
CA GLY C 28 -45.07 -10.18 9.01
C GLY C 28 -44.40 -9.21 8.05
N ASN C 29 -44.14 -9.67 6.83
CA ASN C 29 -43.39 -8.88 5.87
C ASN C 29 -44.09 -7.66 5.29
N ASP C 30 -45.36 -7.47 5.60
CA ASP C 30 -46.10 -6.32 5.10
C ASP C 30 -45.73 -5.08 5.91
N ARG C 31 -45.18 -5.31 7.09
CA ARG C 31 -44.74 -4.22 7.94
C ARG C 31 -43.73 -3.31 7.25
N PHE C 32 -43.06 -3.80 6.20
CA PHE C 32 -41.91 -3.11 5.62
C PHE C 32 -42.04 -2.67 4.17
N GLU C 33 -41.49 -1.50 3.88
CA GLU C 33 -41.31 -1.02 2.52
C GLU C 33 -39.92 -0.43 2.44
N GLY C 34 -39.51 -0.01 1.25
CA GLY C 34 -38.22 0.65 1.08
C GLY C 34 -37.42 -0.01 -0.02
N TYR C 35 -36.46 0.72 -0.56
CA TYR C 35 -35.59 0.22 -1.63
C TYR C 35 -35.12 -1.22 -1.45
N CYS C 36 -34.66 -1.57 -0.25
CA CYS C 36 -34.13 -2.91 -0.04
C CYS C 36 -35.26 -3.92 -0.04
N ILE C 37 -36.40 -3.51 0.51
CA ILE C 37 -37.59 -4.32 0.45
C ILE C 37 -38.01 -4.63 -1.00
N ASP C 38 -38.05 -3.60 -1.84
CA ASP C 38 -38.34 -3.80 -3.26
C ASP C 38 -37.31 -4.76 -3.85
N LEU C 39 -36.03 -4.51 -3.56
CA LEU C 39 -34.95 -5.36 -4.06
C LEU C 39 -35.12 -6.81 -3.59
N LEU C 40 -35.36 -6.99 -2.30
CA LEU C 40 -35.55 -8.32 -1.76
C LEU C 40 -36.62 -9.02 -2.58
N ARG C 41 -37.73 -8.33 -2.79
CA ARG C 41 -38.85 -8.86 -3.57
C ARG C 41 -38.41 -9.30 -4.97
N GLU C 42 -37.68 -8.45 -5.69
CA GLU C 42 -37.27 -8.79 -7.04
C GLU C 42 -36.37 -10.02 -7.07
N LEU C 43 -35.42 -10.09 -6.14
CA LEU C 43 -34.59 -11.29 -6.03
C LEU C 43 -35.48 -12.49 -5.73
N SER C 44 -36.39 -12.30 -4.78
CA SER C 44 -37.35 -13.30 -4.37
C SER C 44 -37.96 -13.95 -5.60
N THR C 45 -38.42 -13.10 -6.53
CA THR C 45 -39.00 -13.57 -7.78
C THR C 45 -38.00 -14.35 -8.64
N ILE C 46 -36.96 -13.66 -9.08
CA ILE C 46 -35.96 -14.23 -9.99
C ILE C 46 -35.33 -15.56 -9.58
N LEU C 47 -35.17 -15.78 -8.29
CA LEU C 47 -34.47 -16.96 -7.82
C LEU C 47 -35.44 -17.98 -7.20
N GLY C 48 -36.71 -17.57 -7.11
CA GLY C 48 -37.77 -18.40 -6.57
C GLY C 48 -37.51 -18.87 -5.15
N PHE C 49 -37.53 -17.94 -4.20
CA PHE C 49 -37.47 -18.30 -2.79
C PHE C 49 -38.53 -17.56 -1.99
N THR C 50 -38.92 -18.14 -0.88
CA THR C 50 -39.79 -17.45 0.06
C THR C 50 -38.87 -16.99 1.18
N TYR C 51 -39.29 -15.97 1.91
CA TYR C 51 -38.41 -15.38 2.90
C TYR C 51 -39.16 -14.74 4.05
N GLU C 52 -38.56 -14.82 5.23
CA GLU C 52 -39.08 -14.11 6.40
C GLU C 52 -38.12 -12.99 6.83
N ILE C 53 -38.64 -11.76 6.87
CA ILE C 53 -37.82 -10.61 7.25
C ILE C 53 -37.74 -10.43 8.77
N ARG C 54 -36.52 -10.36 9.28
CA ARG C 54 -36.29 -10.08 10.69
C ARG C 54 -35.34 -8.89 10.82
N LEU C 55 -35.71 -7.96 11.68
CA LEU C 55 -34.80 -6.88 12.06
C LEU C 55 -33.69 -7.43 12.97
N VAL C 56 -32.44 -7.16 12.61
CA VAL C 56 -31.31 -7.55 13.45
C VAL C 56 -31.48 -7.05 14.89
N GLU C 57 -31.16 -7.96 15.82
CA GLU C 57 -31.49 -7.87 17.24
C GLU C 57 -30.85 -6.69 17.98
N ASP C 58 -29.54 -6.57 17.84
CA ASP C 58 -28.76 -5.58 18.57
C ASP C 58 -28.77 -4.25 17.86
N GLY C 59 -29.21 -4.26 16.60
CA GLY C 59 -29.46 -3.03 15.86
C GLY C 59 -28.21 -2.48 15.23
N LYS C 60 -27.25 -3.36 14.97
CA LYS C 60 -25.96 -2.94 14.42
C LYS C 60 -25.63 -3.63 13.09
N TYR C 61 -24.83 -2.97 12.27
CA TYR C 61 -24.50 -3.53 10.96
C TYR C 61 -23.49 -4.66 11.07
N GLY C 62 -22.32 -4.38 11.62
CA GLY C 62 -21.30 -5.40 11.78
C GLY C 62 -19.93 -4.82 12.04
N ALA C 63 -19.46 -5.00 13.27
CA ALA C 63 -18.11 -4.61 13.64
C ALA C 63 -17.52 -5.64 14.56
N GLN C 64 -16.20 -5.74 14.55
CA GLN C 64 -15.50 -6.65 15.44
C GLN C 64 -15.03 -5.91 16.69
N ASP C 65 -15.43 -6.41 17.87
CA ASP C 65 -14.98 -5.86 19.14
C ASP C 65 -13.48 -6.09 19.33
N ASP C 66 -12.77 -5.03 19.72
CA ASP C 66 -11.30 -5.05 19.83
C ASP C 66 -10.74 -5.94 20.95
N VAL C 67 -11.58 -6.23 21.94
CA VAL C 67 -11.16 -6.95 23.13
C VAL C 67 -11.40 -8.46 23.01
N ASN C 68 -12.47 -8.84 22.32
CA ASN C 68 -12.83 -10.26 22.24
C ASN C 68 -12.90 -10.89 20.82
N GLY C 69 -12.53 -10.14 19.79
CA GLY C 69 -12.52 -10.61 18.42
C GLY C 69 -13.89 -11.03 17.90
N GLN C 70 -14.92 -10.65 18.65
CA GLN C 70 -16.30 -11.03 18.37
C GLN C 70 -16.94 -10.08 17.40
N TRP C 71 -17.85 -10.60 16.58
CA TRP C 71 -18.63 -9.77 15.66
C TRP C 71 -20.02 -9.47 16.20
N ASN C 72 -20.57 -8.34 15.80
CA ASN C 72 -21.93 -8.02 16.21
C ASN C 72 -22.83 -7.74 15.02
N GLY C 73 -24.10 -7.51 15.30
CA GLY C 73 -25.02 -7.09 14.26
C GLY C 73 -25.28 -8.10 13.16
N MET C 74 -25.73 -7.59 12.01
CA MET C 74 -26.11 -8.43 10.90
C MET C 74 -25.00 -9.37 10.47
N VAL C 75 -23.77 -8.87 10.46
CA VAL C 75 -22.64 -9.71 10.09
C VAL C 75 -22.55 -10.92 11.04
N ARG C 76 -22.68 -10.66 12.33
CA ARG C 76 -22.63 -11.72 13.31
C ARG C 76 -23.70 -12.77 12.98
N GLU C 77 -24.95 -12.33 12.82
CA GLU C 77 -26.04 -13.22 12.45
C GLU C 77 -25.74 -14.11 11.24
N LEU C 78 -25.04 -13.57 10.25
CA LEU C 78 -24.69 -14.32 9.05
C LEU C 78 -23.67 -15.40 9.39
N ILE C 79 -22.65 -14.99 10.13
CA ILE C 79 -21.59 -15.88 10.60
C ILE C 79 -22.16 -17.08 11.36
N ASP C 80 -23.14 -16.84 12.21
CA ASP C 80 -23.75 -17.88 13.04
C ASP C 80 -24.81 -18.69 12.31
N HIS C 81 -25.02 -18.40 11.02
CA HIS C 81 -26.05 -19.04 10.22
C HIS C 81 -27.43 -18.86 10.85
N LYS C 82 -27.60 -17.75 11.55
CA LYS C 82 -28.87 -17.40 12.18
C LYS C 82 -29.76 -16.69 11.16
N ALA C 83 -29.17 -16.33 10.04
CA ALA C 83 -29.89 -15.72 8.93
C ALA C 83 -29.24 -16.14 7.63
N ASP C 84 -30.00 -16.14 6.55
CA ASP C 84 -29.49 -16.66 5.30
C ASP C 84 -28.98 -15.54 4.42
N LEU C 85 -29.61 -14.37 4.56
CA LEU C 85 -29.25 -13.19 3.80
C LEU C 85 -29.35 -11.96 4.68
N ALA C 86 -28.45 -11.02 4.45
CA ALA C 86 -28.57 -9.68 4.99
C ALA C 86 -28.83 -8.74 3.84
N VAL C 87 -30.02 -8.16 3.80
CA VAL C 87 -30.34 -7.21 2.77
C VAL C 87 -30.55 -5.84 3.39
N ALA C 88 -29.51 -5.00 3.28
CA ALA C 88 -29.49 -3.68 3.90
C ALA C 88 -28.48 -2.76 3.19
N PRO C 89 -28.35 -1.51 3.65
CA PRO C 89 -27.29 -0.68 3.09
C PRO C 89 -25.96 -1.12 3.71
N LEU C 90 -25.67 -2.42 3.59
CA LEU C 90 -24.49 -3.03 4.18
C LEU C 90 -23.28 -2.88 3.25
N ALA C 91 -22.26 -2.18 3.74
CA ALA C 91 -21.10 -1.86 2.92
C ALA C 91 -20.13 -3.02 2.75
N ILE C 92 -19.74 -3.27 1.50
CA ILE C 92 -18.74 -4.27 1.19
C ILE C 92 -17.38 -3.68 1.51
N THR C 93 -16.86 -4.08 2.67
CA THR C 93 -15.58 -3.64 3.23
C THR C 93 -14.64 -4.84 3.35
N TYR C 94 -13.34 -4.56 3.34
CA TYR C 94 -12.31 -5.61 3.34
C TYR C 94 -12.38 -6.46 4.58
N VAL C 95 -12.60 -5.83 5.71
CA VAL C 95 -12.57 -6.54 6.98
C VAL C 95 -13.77 -7.44 7.07
N ARG C 96 -14.86 -7.08 6.39
CA ARG C 96 -16.08 -7.89 6.39
C ARG C 96 -15.99 -9.07 5.41
N GLU C 97 -15.40 -8.84 4.24
CA GLU C 97 -15.26 -9.93 3.29
C GLU C 97 -14.44 -11.09 3.90
N LYS C 98 -13.71 -10.81 4.96
CA LYS C 98 -12.92 -11.86 5.61
C LYS C 98 -13.75 -12.81 6.47
N VAL C 99 -15.03 -12.49 6.68
CA VAL C 99 -15.89 -13.32 7.53
C VAL C 99 -17.21 -13.75 6.88
N ILE C 100 -17.75 -12.92 5.98
CA ILE C 100 -18.96 -13.28 5.24
C ILE C 100 -18.72 -13.11 3.74
N ASP C 101 -19.69 -13.51 2.92
CA ASP C 101 -19.62 -13.27 1.47
C ASP C 101 -20.56 -12.12 1.12
N PHE C 102 -20.37 -11.52 -0.05
CA PHE C 102 -21.23 -10.43 -0.49
C PHE C 102 -21.53 -10.64 -1.96
N SER C 103 -22.77 -10.42 -2.36
CA SER C 103 -23.09 -10.25 -3.78
C SER C 103 -22.30 -9.05 -4.32
N LYS C 104 -22.09 -9.02 -5.63
CA LYS C 104 -21.55 -7.83 -6.24
C LYS C 104 -22.48 -6.68 -5.82
N PRO C 105 -21.99 -5.44 -5.92
CA PRO C 105 -22.74 -4.30 -5.38
C PRO C 105 -24.03 -4.04 -6.16
N PHE C 106 -25.12 -3.76 -5.45
CA PHE C 106 -26.30 -3.23 -6.12
C PHE C 106 -26.30 -1.70 -6.13
N MET C 107 -25.36 -1.10 -5.40
CA MET C 107 -25.18 0.35 -5.36
C MET C 107 -23.71 0.68 -5.14
N THR C 108 -23.15 1.63 -5.86
CA THR C 108 -21.82 2.12 -5.49
C THR C 108 -21.89 3.52 -4.87
N LEU C 109 -21.21 3.71 -3.76
CA LEU C 109 -21.20 5.00 -3.10
C LEU C 109 -19.80 5.39 -2.67
N GLY C 110 -19.73 6.11 -1.57
CA GLY C 110 -18.46 6.56 -1.03
C GLY C 110 -18.67 7.41 0.20
N ILE C 111 -17.69 7.42 1.09
CA ILE C 111 -17.71 8.30 2.26
C ILE C 111 -17.60 9.76 1.82
N SER C 112 -18.35 10.63 2.49
CA SER C 112 -18.24 12.06 2.22
C SER C 112 -18.71 12.86 3.42
N ILE C 113 -18.85 14.16 3.24
CA ILE C 113 -19.15 15.04 4.35
C ILE C 113 -20.50 15.75 4.26
N LEU C 114 -21.24 15.71 5.36
CA LEU C 114 -22.49 16.45 5.45
C LEU C 114 -22.27 17.63 6.36
N TYR C 115 -22.39 18.83 5.81
CA TYR C 115 -22.23 20.05 6.56
C TYR C 115 -23.16 21.14 6.04
N ARG C 116 -23.06 22.32 6.67
CA ARG C 116 -23.85 23.50 6.34
C ARG C 116 -23.37 24.11 5.04
N LYS C 117 -24.28 24.81 4.38
CA LYS C 117 -23.87 25.51 3.17
C LYS C 117 -23.15 26.79 3.56
N GLY C 118 -22.21 27.19 2.70
CA GLY C 118 -21.60 28.50 2.81
C GLY C 118 -20.50 28.69 3.84
N THR C 119 -19.95 27.58 4.31
CA THR C 119 -18.76 27.65 5.12
C THR C 119 -17.53 27.61 4.23
N PRO C 120 -16.38 27.99 4.78
CA PRO C 120 -15.10 27.97 4.06
C PRO C 120 -14.59 26.53 3.88
N ILE C 121 -15.10 25.61 4.69
CA ILE C 121 -14.77 24.18 4.55
C ILE C 121 -15.10 23.66 3.13
N ASP C 122 -14.17 22.94 2.55
CA ASP C 122 -14.31 22.52 1.16
C ASP C 122 -13.75 21.10 0.92
N SER C 123 -13.32 20.44 1.99
CA SER C 123 -12.69 19.14 1.87
C SER C 123 -12.39 18.53 3.23
N ALA C 124 -12.08 17.24 3.24
CA ALA C 124 -11.75 16.53 4.46
C ALA C 124 -10.54 17.18 5.14
N ASP C 125 -9.60 17.66 4.34
CA ASP C 125 -8.41 18.29 4.87
C ASP C 125 -8.73 19.53 5.72
N ASP C 126 -9.57 20.41 5.17
CA ASP C 126 -9.99 21.64 5.84
C ASP C 126 -10.57 21.37 7.23
N LEU C 127 -11.20 20.20 7.37
CA LEU C 127 -11.75 19.74 8.64
C LEU C 127 -10.62 19.29 9.58
N ALA C 128 -9.72 18.47 9.04
CA ALA C 128 -8.67 17.83 9.81
C ALA C 128 -7.87 18.89 10.52
N LYS C 129 -7.38 19.85 9.74
CA LYS C 129 -6.42 20.84 10.22
C LYS C 129 -6.98 21.93 11.15
N GLN C 130 -8.12 21.68 11.78
CA GLN C 130 -8.70 22.64 12.72
C GLN C 130 -9.48 21.91 13.82
N THR C 131 -10.05 22.65 14.77
CA THR C 131 -10.73 21.99 15.89
C THR C 131 -12.04 22.63 16.31
N LYS C 132 -12.28 23.87 15.89
CA LYS C 132 -13.53 24.55 16.19
C LYS C 132 -14.72 23.71 15.77
N ILE C 133 -14.82 23.45 14.46
CA ILE C 133 -15.82 22.53 13.89
C ILE C 133 -15.49 21.06 14.21
N GLU C 134 -16.36 20.42 14.98
CA GLU C 134 -16.17 19.03 15.31
C GLU C 134 -16.67 18.14 14.19
N TYR C 135 -16.35 16.86 14.27
CA TYR C 135 -16.80 15.92 13.25
C TYR C 135 -16.80 14.51 13.77
N GLY C 136 -17.58 13.65 13.13
CA GLY C 136 -17.75 12.27 13.58
C GLY C 136 -18.48 11.39 12.59
N ALA C 137 -18.77 10.17 13.02
CA ALA C 137 -19.38 9.19 12.15
C ALA C 137 -20.18 8.23 12.98
N VAL C 138 -20.93 7.35 12.34
CA VAL C 138 -21.65 6.36 13.10
C VAL C 138 -20.65 5.41 13.71
N GLU C 139 -20.74 5.28 15.04
CA GLU C 139 -19.84 4.44 15.83
C GLU C 139 -19.98 2.96 15.47
N ASP C 140 -18.86 2.30 15.15
CA ASP C 140 -18.86 0.89 14.74
C ASP C 140 -19.35 0.75 13.31
N GLY C 141 -19.35 1.86 12.59
CA GLY C 141 -19.82 1.87 11.21
C GLY C 141 -18.70 1.46 10.30
N ALA C 142 -19.02 1.34 9.01
CA ALA C 142 -18.01 1.08 8.01
C ALA C 142 -17.20 2.33 7.88
N THR C 143 -17.90 3.46 7.86
CA THR C 143 -17.28 4.79 7.73
C THR C 143 -16.29 5.04 8.87
N MET C 144 -16.71 4.81 10.10
CA MET C 144 -15.78 4.98 11.22
C MET C 144 -14.58 4.06 11.04
N THR C 145 -14.85 2.76 10.86
CA THR C 145 -13.78 1.81 10.62
C THR C 145 -12.77 2.26 9.57
N PHE C 146 -13.26 2.90 8.50
CA PHE C 146 -12.36 3.37 7.46
C PHE C 146 -11.26 4.27 8.04
N PHE C 147 -11.66 5.19 8.90
CA PHE C 147 -10.71 6.12 9.49
C PHE C 147 -9.79 5.45 10.52
N LYS C 148 -10.36 4.59 11.35
CA LYS C 148 -9.58 3.84 12.32
C LYS C 148 -8.53 2.98 11.62
N LYS C 149 -8.84 2.46 10.43
CA LYS C 149 -7.90 1.59 9.75
C LYS C 149 -7.00 2.33 8.75
N SER C 150 -7.16 3.65 8.68
CA SER C 150 -6.48 4.38 7.61
C SER C 150 -5.14 4.92 8.03
N LYS C 151 -4.22 4.85 7.07
CA LYS C 151 -2.83 5.27 7.25
C LYS C 151 -2.60 6.44 6.34
N ILE C 152 -3.66 7.02 5.83
CA ILE C 152 -3.49 8.25 5.06
C ILE C 152 -3.37 9.44 6.02
N SER C 153 -2.37 10.28 5.75
CA SER C 153 -2.05 11.40 6.60
C SER C 153 -3.32 12.06 7.14
N THR C 154 -4.09 12.67 6.25
CA THR C 154 -5.28 13.43 6.63
C THR C 154 -6.26 12.64 7.51
N TYR C 155 -6.56 11.41 7.12
CA TYR C 155 -7.61 10.66 7.80
C TYR C 155 -7.13 10.10 9.12
N ASP C 156 -5.84 9.80 9.22
CA ASP C 156 -5.25 9.39 10.49
C ASP C 156 -5.43 10.53 11.50
N LYS C 157 -5.17 11.75 11.07
CA LYS C 157 -5.33 12.86 11.97
C LYS C 157 -6.80 13.01 12.37
N MET C 158 -7.72 12.81 11.40
CA MET C 158 -9.15 12.93 11.67
C MET C 158 -9.62 11.82 12.57
N TRP C 159 -8.97 10.66 12.46
CA TRP C 159 -9.28 9.58 13.35
C TRP C 159 -8.82 9.92 14.77
N ALA C 160 -7.57 10.36 14.87
CA ALA C 160 -6.99 10.77 16.15
C ALA C 160 -7.91 11.75 16.85
N PHE C 161 -8.47 12.68 16.08
CA PHE C 161 -9.42 13.65 16.59
C PHE C 161 -10.64 12.97 17.17
N MET C 162 -11.25 12.06 16.41
CA MET C 162 -12.49 11.44 16.84
C MET C 162 -12.29 10.47 18.02
N SER C 163 -11.26 9.63 17.95
CA SER C 163 -11.13 8.58 18.94
C SER C 163 -10.84 9.16 20.30
N SER C 164 -10.41 10.42 20.30
CA SER C 164 -10.12 11.17 21.52
C SER C 164 -11.38 11.86 22.07
N ARG C 165 -12.39 12.00 21.22
CA ARG C 165 -13.66 12.56 21.68
C ARG C 165 -14.86 11.65 21.37
N ARG C 166 -14.62 10.34 21.24
CA ARG C 166 -15.67 9.37 20.95
C ARG C 166 -17.02 9.65 21.64
N GLN C 167 -16.97 10.01 22.92
CA GLN C 167 -18.21 10.19 23.68
C GLN C 167 -19.13 11.20 23.00
N SER C 168 -18.54 12.24 22.43
CA SER C 168 -19.31 13.40 22.01
C SER C 168 -19.41 13.64 20.50
N VAL C 169 -18.57 12.96 19.71
CA VAL C 169 -18.59 13.18 18.25
C VAL C 169 -18.95 11.92 17.46
N LEU C 170 -18.89 10.76 18.11
CA LEU C 170 -19.33 9.54 17.46
C LEU C 170 -20.78 9.27 17.85
N VAL C 171 -21.63 9.18 16.84
CA VAL C 171 -23.07 9.03 17.04
C VAL C 171 -23.53 7.59 16.82
N LYS C 172 -24.77 7.30 17.22
CA LYS C 172 -25.26 5.93 17.17
C LYS C 172 -26.18 5.63 16.00
N SER C 173 -26.45 6.64 15.17
CA SER C 173 -27.30 6.48 13.99
C SER C 173 -27.15 7.63 13.01
N ASN C 174 -27.43 7.37 11.74
CA ASN C 174 -27.37 8.40 10.73
C ASN C 174 -28.29 9.55 11.11
N GLU C 175 -29.38 9.24 11.79
CA GLU C 175 -30.33 10.28 12.16
C GLU C 175 -29.73 11.23 13.18
N GLU C 176 -29.17 10.65 14.24
CA GLU C 176 -28.54 11.40 15.31
C GLU C 176 -27.38 12.26 14.77
N GLY C 177 -26.72 11.76 13.74
CA GLY C 177 -25.57 12.43 13.17
C GLY C 177 -26.00 13.66 12.43
N ILE C 178 -27.16 13.56 11.80
CA ILE C 178 -27.74 14.68 11.07
C ILE C 178 -28.26 15.72 12.05
N GLN C 179 -28.89 15.28 13.12
CA GLN C 179 -29.36 16.19 14.15
C GLN C 179 -28.19 17.00 14.73
N ARG C 180 -27.05 16.35 14.99
CA ARG C 180 -25.86 17.05 15.45
C ARG C 180 -25.46 18.17 14.50
N VAL C 181 -25.44 17.86 13.21
CA VAL C 181 -25.09 18.85 12.19
C VAL C 181 -26.03 20.04 12.23
N LEU C 182 -27.29 19.77 12.52
CA LEU C 182 -28.32 20.81 12.47
C LEU C 182 -28.49 21.54 13.79
N THR C 183 -27.80 21.10 14.84
CA THR C 183 -27.96 21.75 16.15
C THR C 183 -26.65 22.07 16.85
N SER C 184 -25.57 22.15 16.09
CA SER C 184 -24.26 22.53 16.63
C SER C 184 -23.25 22.68 15.52
N ASP C 185 -22.05 23.13 15.85
CA ASP C 185 -21.02 23.32 14.83
C ASP C 185 -20.34 22.00 14.54
N TYR C 186 -20.98 21.20 13.70
CA TYR C 186 -20.61 19.80 13.50
C TYR C 186 -20.74 19.43 12.04
N ALA C 187 -19.78 18.67 11.53
CA ALA C 187 -19.81 18.13 10.19
C ALA C 187 -19.82 16.61 10.30
N PHE C 188 -20.67 15.95 9.50
CA PHE C 188 -20.91 14.50 9.64
C PHE C 188 -20.25 13.71 8.51
N LEU C 189 -19.63 12.59 8.86
CA LEU C 189 -19.06 11.69 7.87
C LEU C 189 -20.05 10.56 7.65
N MET C 190 -20.79 10.64 6.54
CA MET C 190 -21.74 9.59 6.16
C MET C 190 -21.57 9.22 4.70
N GLU C 191 -22.32 8.19 4.29
CA GLU C 191 -22.19 7.66 2.96
C GLU C 191 -22.90 8.54 1.96
N SER C 192 -22.32 8.68 0.77
CA SER C 192 -22.77 9.66 -0.20
C SER C 192 -24.24 9.53 -0.57
N THR C 193 -24.68 8.28 -0.77
CA THR C 193 -26.06 7.98 -1.11
C THR C 193 -26.99 8.49 -0.02
N THR C 194 -26.64 8.23 1.24
CA THR C 194 -27.49 8.71 2.30
C THR C 194 -27.46 10.24 2.38
N ILE C 195 -26.29 10.85 2.17
CA ILE C 195 -26.19 12.33 2.09
C ILE C 195 -27.16 12.87 1.01
N GLU C 196 -27.02 12.32 -0.19
CA GLU C 196 -27.86 12.63 -1.34
C GLU C 196 -29.35 12.58 -1.03
N PHE C 197 -29.73 11.74 -0.09
CA PHE C 197 -31.14 11.63 0.31
C PHE C 197 -31.50 12.74 1.27
N VAL C 198 -30.63 12.95 2.25
CA VAL C 198 -30.84 13.94 3.30
C VAL C 198 -30.85 15.41 2.78
N THR C 199 -30.02 15.69 1.79
CA THR C 199 -29.87 17.05 1.30
C THR C 199 -31.07 17.50 0.48
N GLN C 200 -32.10 16.67 0.44
CA GLN C 200 -33.37 17.05 -0.19
C GLN C 200 -34.36 17.42 0.88
N ARG C 201 -34.43 16.61 1.94
CA ARG C 201 -35.34 16.84 3.06
C ARG C 201 -34.89 18.00 3.97
N ASN C 202 -33.63 18.39 3.83
CA ASN C 202 -33.03 19.45 4.66
C ASN C 202 -32.26 20.41 3.75
N CYS C 203 -32.81 21.61 3.56
CA CYS C 203 -32.34 22.49 2.50
C CYS C 203 -31.14 23.37 2.86
N ASN C 204 -30.72 23.34 4.12
CA ASN C 204 -29.52 24.09 4.51
C ASN C 204 -28.25 23.25 4.62
N LEU C 205 -28.34 21.97 4.32
CA LEU C 205 -27.19 21.06 4.37
C LEU C 205 -26.66 20.82 2.96
N THR C 206 -25.44 20.32 2.88
CA THR C 206 -24.88 20.04 1.57
C THR C 206 -23.74 19.05 1.69
N GLN C 207 -23.31 18.49 0.58
CA GLN C 207 -22.16 17.62 0.64
C GLN C 207 -20.89 18.42 0.45
N ILE C 208 -20.03 18.39 1.45
CA ILE C 208 -18.74 19.05 1.37
C ILE C 208 -17.71 18.14 0.70
N GLY C 209 -17.04 18.71 -0.30
CA GLY C 209 -16.02 17.99 -1.05
C GLY C 209 -16.57 16.85 -1.85
N GLY C 210 -15.69 15.91 -2.16
CA GLY C 210 -16.08 14.80 -2.99
C GLY C 210 -16.18 13.51 -2.21
N LEU C 211 -16.21 12.39 -2.93
CA LEU C 211 -16.16 11.09 -2.31
C LEU C 211 -14.75 10.85 -1.76
N ILE C 212 -14.68 10.50 -0.48
CA ILE C 212 -13.42 10.20 0.18
C ILE C 212 -12.86 8.83 -0.25
N ASP C 213 -13.71 7.80 -0.34
CA ASP C 213 -13.32 6.50 -0.87
C ASP C 213 -14.37 6.00 -1.85
N SER C 214 -14.43 4.69 -2.08
CA SER C 214 -15.36 4.14 -3.07
C SER C 214 -15.84 2.72 -2.74
N LYS C 215 -16.81 2.59 -1.86
CA LYS C 215 -17.36 1.26 -1.55
C LYS C 215 -18.70 1.02 -2.28
N GLY C 216 -19.22 -0.20 -2.16
CA GLY C 216 -20.58 -0.52 -2.59
C GLY C 216 -21.40 -1.16 -1.47
N TYR C 217 -22.71 -1.29 -1.71
CA TYR C 217 -23.57 -2.11 -0.85
C TYR C 217 -23.80 -3.46 -1.54
N GLY C 218 -23.81 -4.52 -0.76
CA GLY C 218 -24.01 -5.85 -1.30
C GLY C 218 -24.95 -6.65 -0.42
N VAL C 219 -25.44 -7.78 -0.95
CA VAL C 219 -26.28 -8.64 -0.15
C VAL C 219 -25.38 -9.56 0.65
N GLY C 220 -25.59 -9.60 1.96
CA GLY C 220 -24.73 -10.38 2.84
C GLY C 220 -25.18 -11.82 2.94
N THR C 221 -24.25 -12.73 2.65
CA THR C 221 -24.51 -14.16 2.84
C THR C 221 -23.43 -14.75 3.72
N PRO C 222 -23.78 -15.79 4.49
CA PRO C 222 -22.76 -16.52 5.25
C PRO C 222 -21.69 -16.97 4.29
N MET C 223 -20.45 -17.09 4.75
CA MET C 223 -19.36 -17.48 3.87
C MET C 223 -19.56 -18.88 3.31
N GLY C 224 -19.34 -19.01 2.00
CA GLY C 224 -19.56 -20.28 1.31
C GLY C 224 -20.98 -20.54 0.81
N SER C 225 -21.85 -19.54 0.93
CA SER C 225 -23.24 -19.64 0.52
C SER C 225 -23.46 -19.64 -1.01
N PRO C 226 -24.32 -20.55 -1.50
CA PRO C 226 -24.77 -20.70 -2.89
C PRO C 226 -25.53 -19.49 -3.38
N TYR C 227 -26.13 -18.76 -2.46
CA TYR C 227 -26.88 -17.59 -2.85
C TYR C 227 -25.99 -16.42 -3.25
N ARG C 228 -24.74 -16.42 -2.80
CA ARG C 228 -23.85 -15.33 -3.16
C ARG C 228 -23.74 -15.22 -4.67
N LYS C 229 -23.44 -16.33 -5.33
CA LYS C 229 -23.37 -16.28 -6.78
C LYS C 229 -24.76 -16.02 -7.42
N LYS C 230 -25.80 -16.74 -6.94
CA LYS C 230 -27.15 -16.61 -7.50
C LYS C 230 -27.60 -15.16 -7.44
N ILE C 231 -27.43 -14.56 -6.28
CA ILE C 231 -27.87 -13.20 -6.04
C ILE C 231 -27.02 -12.21 -6.83
N THR C 232 -25.74 -12.54 -7.05
CA THR C 232 -24.90 -11.68 -7.88
C THR C 232 -25.39 -11.67 -9.32
N ILE C 233 -25.78 -12.83 -9.82
CA ILE C 233 -26.34 -12.90 -11.15
C ILE C 233 -27.64 -12.10 -11.24
N ALA C 234 -28.52 -12.30 -10.26
CA ALA C 234 -29.80 -11.60 -10.24
C ALA C 234 -29.62 -10.07 -10.21
N ILE C 235 -28.61 -9.62 -9.48
CA ILE C 235 -28.35 -8.20 -9.35
C ILE C 235 -27.79 -7.64 -10.67
N LEU C 236 -26.86 -8.37 -11.26
CA LEU C 236 -26.31 -7.95 -12.54
C LEU C 236 -27.41 -7.76 -13.55
N GLN C 237 -28.39 -8.67 -13.51
CA GLN C 237 -29.55 -8.60 -14.41
C GLN C 237 -30.37 -7.34 -14.10
N LEU C 238 -30.70 -7.15 -12.83
CA LEU C 238 -31.45 -5.96 -12.44
C LEU C 238 -30.77 -4.62 -12.83
N GLN C 239 -29.43 -4.57 -12.81
CA GLN C 239 -28.74 -3.37 -13.25
C GLN C 239 -28.93 -3.21 -14.74
N GLU C 240 -28.74 -4.32 -15.46
CA GLU C 240 -28.66 -4.29 -16.91
C GLU C 240 -30.00 -3.96 -17.55
N GLU C 241 -31.08 -4.17 -16.80
CA GLU C 241 -32.42 -3.91 -17.33
C GLU C 241 -33.07 -2.64 -16.73
N GLY C 242 -32.25 -1.83 -16.06
CA GLY C 242 -32.66 -0.53 -15.58
C GLY C 242 -33.46 -0.53 -14.30
N LYS C 243 -33.75 -1.71 -13.77
CA LYS C 243 -34.64 -1.82 -12.62
C LYS C 243 -34.06 -1.20 -11.37
N LEU C 244 -32.74 -1.36 -11.20
CA LEU C 244 -32.07 -0.80 -10.05
C LEU C 244 -32.10 0.73 -10.13
N HIS C 245 -31.90 1.28 -11.32
CA HIS C 245 -31.95 2.72 -11.48
C HIS C 245 -33.35 3.24 -11.16
N MET C 246 -34.34 2.61 -11.76
CA MET C 246 -35.72 2.96 -11.49
C MET C 246 -36.03 2.93 -9.99
N MET C 247 -35.58 1.89 -9.29
CA MET C 247 -35.78 1.74 -7.84
C MET C 247 -35.22 2.90 -7.03
N LYS C 248 -34.05 3.40 -7.44
CA LYS C 248 -33.45 4.51 -6.73
C LYS C 248 -34.25 5.76 -7.00
N GLU C 249 -34.58 6.00 -8.28
CA GLU C 249 -35.47 7.11 -8.66
C GLU C 249 -36.64 7.16 -7.70
N LYS C 250 -37.26 5.99 -7.54
CA LYS C 250 -38.46 5.81 -6.73
C LYS C 250 -38.33 6.23 -5.28
N TRP C 251 -37.21 5.89 -4.64
CA TRP C 251 -37.06 6.15 -3.22
C TRP C 251 -36.31 7.44 -2.85
N TRP C 252 -35.70 8.08 -3.85
CA TRP C 252 -34.95 9.33 -3.64
C TRP C 252 -35.67 10.56 -4.23
N ARG D 4 3.42 -22.90 -7.37
CA ARG D 4 3.15 -22.83 -8.81
C ARG D 4 2.78 -21.43 -9.30
N SER D 5 2.72 -21.33 -10.61
CA SER D 5 2.84 -20.06 -11.30
C SER D 5 1.65 -19.79 -12.23
N LEU D 6 0.96 -18.68 -11.98
CA LEU D 6 -0.33 -18.39 -12.62
C LEU D 6 -0.25 -17.82 -14.04
N ILE D 7 -1.02 -18.39 -14.96
CA ILE D 7 -1.11 -17.83 -16.30
C ILE D 7 -2.15 -16.71 -16.32
N VAL D 8 -1.69 -15.47 -16.54
CA VAL D 8 -2.61 -14.34 -16.63
C VAL D 8 -2.87 -13.86 -18.05
N THR D 9 -4.11 -14.01 -18.52
CA THR D 9 -4.49 -13.49 -19.82
C THR D 9 -4.85 -12.03 -19.71
N THR D 10 -4.58 -11.29 -20.77
CA THR D 10 -4.86 -9.87 -20.81
C THR D 10 -4.85 -9.41 -22.27
N ILE D 11 -4.84 -8.10 -22.47
CA ILE D 11 -4.99 -7.54 -23.80
C ILE D 11 -4.55 -6.08 -23.82
N LEU D 12 -3.92 -5.67 -24.92
CA LEU D 12 -3.44 -4.28 -25.04
C LEU D 12 -4.59 -3.26 -25.00
N GLU D 13 -4.46 -2.25 -24.14
CA GLU D 13 -5.47 -1.20 -24.04
C GLU D 13 -5.01 -0.05 -23.14
N GLU D 14 -4.67 1.08 -23.74
CA GLU D 14 -4.23 2.28 -23.03
C GLU D 14 -5.29 2.80 -22.09
N PRO D 15 -4.93 3.09 -20.83
CA PRO D 15 -3.64 2.88 -20.20
C PRO D 15 -3.60 1.61 -19.34
N TYR D 16 -4.49 0.66 -19.59
CA TYR D 16 -4.61 -0.52 -18.74
C TYR D 16 -3.44 -1.48 -18.96
N VAL D 17 -3.13 -1.71 -20.22
CA VAL D 17 -2.01 -2.58 -20.57
C VAL D 17 -1.41 -2.11 -21.87
N LEU D 18 -0.08 -2.07 -21.95
CA LEU D 18 0.59 -1.62 -23.16
C LEU D 18 2.08 -2.00 -23.16
N PHE D 19 2.67 -2.19 -24.34
CA PHE D 19 4.10 -2.43 -24.40
C PHE D 19 4.87 -1.21 -23.92
N LYS D 20 5.68 -1.40 -22.89
CA LYS D 20 6.55 -0.33 -22.41
C LYS D 20 7.49 0.00 -23.57
N LYS D 21 7.85 1.28 -23.70
CA LYS D 21 8.89 1.66 -24.66
C LYS D 21 10.28 1.57 -24.03
N SER D 22 11.22 0.96 -24.75
CA SER D 22 12.61 0.84 -24.33
C SER D 22 13.51 0.62 -25.53
N ASP D 23 14.80 0.91 -25.36
CA ASP D 23 15.77 0.74 -26.44
C ASP D 23 16.18 -0.72 -26.56
N LYS D 24 16.17 -1.43 -25.43
CA LYS D 24 16.53 -2.85 -25.42
C LYS D 24 15.29 -3.72 -25.39
N PRO D 25 15.15 -4.64 -26.36
CA PRO D 25 14.05 -5.62 -26.38
C PRO D 25 13.82 -6.21 -25.00
N LEU D 26 12.64 -5.94 -24.43
CA LEU D 26 12.30 -6.44 -23.10
C LEU D 26 11.63 -7.77 -23.22
N TYR D 27 11.94 -8.69 -22.31
CA TYR D 27 11.43 -10.04 -22.42
C TYR D 27 10.44 -10.36 -21.34
N GLY D 28 9.58 -11.34 -21.62
CA GLY D 28 8.62 -11.76 -20.63
C GLY D 28 7.78 -10.61 -20.13
N ASN D 29 7.57 -10.57 -18.82
CA ASN D 29 6.65 -9.62 -18.21
C ASN D 29 7.12 -8.17 -18.19
N ASP D 30 8.37 -7.93 -18.55
CA ASP D 30 8.88 -6.56 -18.56
C ASP D 30 8.35 -5.81 -19.75
N ARG D 31 7.87 -6.56 -20.74
CA ARG D 31 7.29 -5.98 -21.96
C ARG D 31 6.15 -5.03 -21.66
N PHE D 32 5.53 -5.19 -20.49
CA PHE D 32 4.27 -4.51 -20.19
C PHE D 32 4.29 -3.52 -19.03
N GLU D 33 3.53 -2.44 -19.20
CA GLU D 33 3.26 -1.50 -18.12
C GLU D 33 1.79 -1.16 -18.23
N GLY D 34 1.28 -0.35 -17.31
CA GLY D 34 -0.11 0.07 -17.37
C GLY D 34 -0.86 -0.23 -16.09
N TYR D 35 -1.95 0.49 -15.86
CA TYR D 35 -2.75 0.33 -14.65
C TYR D 35 -2.96 -1.12 -14.25
N CYS D 36 -3.32 -1.97 -15.21
CA CYS D 36 -3.63 -3.35 -14.86
C CYS D 36 -2.39 -4.12 -14.48
N ILE D 37 -1.28 -3.78 -15.16
CA ILE D 37 0.04 -4.31 -14.82
C ILE D 37 0.46 -3.93 -13.39
N ASP D 38 0.27 -2.67 -13.01
CA ASP D 38 0.51 -2.26 -11.65
C ASP D 38 -0.35 -3.08 -10.71
N LEU D 39 -1.65 -3.15 -11.00
CA LEU D 39 -2.60 -3.91 -10.19
C LEU D 39 -2.17 -5.37 -10.07
N LEU D 40 -1.86 -5.99 -11.21
CA LEU D 40 -1.43 -7.39 -11.19
C LEU D 40 -0.31 -7.52 -10.18
N ARG D 41 0.65 -6.62 -10.28
CA ARG D 41 1.82 -6.62 -9.39
C ARG D 41 1.45 -6.56 -7.90
N GLU D 42 0.57 -5.62 -7.55
CA GLU D 42 0.12 -5.47 -6.18
C GLU D 42 -0.56 -6.74 -5.66
N LEU D 43 -1.42 -7.33 -6.47
CA LEU D 43 -2.08 -8.56 -6.06
C LEU D 43 -1.02 -9.64 -5.90
N SER D 44 -0.10 -9.66 -6.87
CA SER D 44 1.02 -10.58 -6.88
C SER D 44 1.71 -10.61 -5.51
N THR D 45 2.01 -9.41 -5.02
CA THR D 45 2.56 -9.25 -3.69
C THR D 45 1.66 -9.80 -2.58
N ILE D 46 0.52 -9.15 -2.38
CA ILE D 46 -0.41 -9.49 -1.30
C ILE D 46 -0.80 -10.98 -1.15
N LEU D 47 -0.88 -11.69 -2.27
CA LEU D 47 -1.38 -13.07 -2.24
C LEU D 47 -0.23 -14.07 -2.43
N GLY D 48 0.94 -13.52 -2.69
CA GLY D 48 2.15 -14.31 -2.93
C GLY D 48 1.99 -15.33 -4.03
N PHE D 49 1.92 -14.86 -5.27
CA PHE D 49 1.95 -15.76 -6.42
C PHE D 49 2.92 -15.22 -7.46
N THR D 50 3.44 -16.11 -8.28
CA THR D 50 4.23 -15.71 -9.42
C THR D 50 3.29 -15.83 -10.62
N TYR D 51 3.56 -15.09 -11.68
CA TYR D 51 2.65 -15.11 -12.80
C TYR D 51 3.33 -14.86 -14.14
N GLU D 52 2.79 -15.46 -15.19
CA GLU D 52 3.24 -15.21 -16.55
C GLU D 52 2.13 -14.51 -17.34
N ILE D 53 2.43 -13.35 -17.89
CA ILE D 53 1.46 -12.58 -18.65
C ILE D 53 1.41 -13.04 -20.11
N ARG D 54 0.22 -13.40 -20.58
CA ARG D 54 -0.01 -13.70 -21.99
C ARG D 54 -1.11 -12.82 -22.56
N LEU D 55 -0.87 -12.25 -23.73
CA LEU D 55 -1.93 -11.55 -24.45
C LEU D 55 -2.88 -12.58 -25.06
N VAL D 56 -4.18 -12.41 -24.81
CA VAL D 56 -5.21 -13.24 -25.42
C VAL D 56 -4.99 -13.25 -26.94
N GLU D 57 -4.96 -14.44 -27.55
CA GLU D 57 -4.58 -14.60 -28.96
C GLU D 57 -5.57 -14.04 -29.99
N ASP D 58 -6.87 -14.30 -29.82
CA ASP D 58 -7.83 -13.82 -30.80
C ASP D 58 -8.05 -12.32 -30.65
N GLY D 59 -7.65 -11.77 -29.51
CA GLY D 59 -7.64 -10.34 -29.32
C GLY D 59 -8.98 -9.78 -28.90
N LYS D 60 -9.80 -10.63 -28.30
CA LYS D 60 -11.16 -10.26 -27.92
C LYS D 60 -11.43 -10.43 -26.43
N TYR D 61 -12.36 -9.64 -25.91
CA TYR D 61 -12.65 -9.68 -24.49
C TYR D 61 -13.47 -10.91 -24.12
N GLY D 62 -14.66 -11.04 -24.70
CA GLY D 62 -15.49 -12.19 -24.42
C GLY D 62 -16.93 -12.01 -24.85
N ALA D 63 -17.34 -12.75 -25.87
CA ALA D 63 -18.72 -12.75 -26.34
C ALA D 63 -19.05 -14.15 -26.85
N GLN D 64 -20.33 -14.45 -26.98
CA GLN D 64 -20.76 -15.80 -27.35
C GLN D 64 -21.27 -15.85 -28.81
N ASP D 65 -20.70 -16.75 -29.62
CA ASP D 65 -21.15 -16.96 -31.00
C ASP D 65 -22.66 -17.17 -31.10
N GLY D 69 -23.16 -21.06 -29.72
CA GLY D 69 -23.13 -20.89 -28.27
C GLY D 69 -21.72 -20.86 -27.70
N GLN D 70 -20.75 -20.64 -28.57
CA GLN D 70 -19.33 -20.64 -28.20
C GLN D 70 -18.87 -19.29 -27.66
N TRP D 71 -17.92 -19.30 -26.74
CA TRP D 71 -17.33 -18.06 -26.25
C TRP D 71 -15.99 -17.79 -26.90
N ASN D 72 -15.60 -16.53 -26.96
CA ASN D 72 -14.29 -16.21 -27.49
C ASN D 72 -13.50 -15.36 -26.50
N GLY D 73 -12.28 -15.02 -26.89
CA GLY D 73 -11.45 -14.10 -26.13
C GLY D 73 -11.07 -14.55 -24.74
N MET D 74 -10.72 -13.59 -23.90
CA MET D 74 -10.27 -13.88 -22.55
C MET D 74 -11.25 -14.73 -21.78
N VAL D 75 -12.55 -14.45 -21.91
CA VAL D 75 -13.56 -15.23 -21.20
C VAL D 75 -13.43 -16.69 -21.60
N ARG D 76 -13.30 -16.95 -22.90
CA ARG D 76 -13.11 -18.33 -23.39
C ARG D 76 -11.91 -19.00 -22.69
N GLU D 77 -10.76 -18.34 -22.74
CA GLU D 77 -9.55 -18.86 -22.11
C GLU D 77 -9.75 -19.24 -20.64
N LEU D 78 -10.54 -18.45 -19.93
CA LEU D 78 -10.83 -18.73 -18.53
C LEU D 78 -11.66 -20.00 -18.41
N ILE D 79 -12.70 -20.10 -19.22
CA ILE D 79 -13.62 -21.23 -19.24
C ILE D 79 -12.84 -22.50 -19.47
N ASP D 80 -11.89 -22.46 -20.41
CA ASP D 80 -11.10 -23.63 -20.81
C ASP D 80 -9.95 -23.91 -19.85
N HIS D 81 -9.84 -23.12 -18.78
CA HIS D 81 -8.72 -23.26 -17.83
C HIS D 81 -7.36 -23.11 -18.51
N LYS D 82 -7.35 -22.37 -19.62
CA LYS D 82 -6.12 -22.09 -20.34
C LYS D 82 -5.39 -20.91 -19.70
N ALA D 83 -6.07 -20.24 -18.77
CA ALA D 83 -5.47 -19.15 -18.00
C ALA D 83 -6.10 -19.14 -16.63
N ASP D 84 -5.39 -18.59 -15.65
CA ASP D 84 -5.85 -18.64 -14.28
C ASP D 84 -6.57 -17.36 -13.89
N LEU D 85 -6.13 -16.25 -14.49
CA LEU D 85 -6.72 -14.95 -14.23
C LEU D 85 -6.77 -14.13 -15.49
N ALA D 86 -7.80 -13.31 -15.60
CA ALA D 86 -7.86 -12.32 -16.66
C ALA D 86 -7.81 -10.97 -15.98
N VAL D 87 -6.71 -10.28 -16.21
CA VAL D 87 -6.58 -8.95 -15.66
C VAL D 87 -6.58 -7.90 -16.77
N ALA D 88 -7.75 -7.27 -16.96
CA ALA D 88 -7.95 -6.30 -18.04
C ALA D 88 -9.10 -5.35 -17.71
N PRO D 89 -9.41 -4.42 -18.64
CA PRO D 89 -10.62 -3.62 -18.42
C PRO D 89 -11.84 -4.45 -18.77
N LEU D 90 -11.96 -5.63 -18.15
CA LEU D 90 -12.99 -6.60 -18.45
C LEU D 90 -14.24 -6.33 -17.65
N ALA D 91 -15.34 -6.09 -18.34
CA ALA D 91 -16.55 -5.63 -17.68
C ALA D 91 -17.32 -6.76 -17.01
N ILE D 92 -17.67 -6.57 -15.73
CA ILE D 92 -18.54 -7.48 -15.01
C ILE D 92 -19.99 -7.30 -15.50
N THR D 93 -20.40 -8.22 -16.38
CA THR D 93 -21.70 -8.23 -17.05
C THR D 93 -22.45 -9.53 -16.67
N TYR D 94 -23.79 -9.49 -16.76
CA TYR D 94 -24.67 -10.60 -16.34
C TYR D 94 -24.34 -11.86 -17.11
N VAL D 95 -24.26 -11.69 -18.42
CA VAL D 95 -24.09 -12.79 -19.33
C VAL D 95 -22.74 -13.46 -19.09
N ARG D 96 -21.77 -12.69 -18.63
CA ARG D 96 -20.44 -13.22 -18.36
C ARG D 96 -20.38 -13.93 -17.01
N GLU D 97 -21.02 -13.35 -15.99
CA GLU D 97 -21.04 -14.00 -14.67
C GLU D 97 -21.66 -15.40 -14.78
N LYS D 98 -22.38 -15.68 -15.86
CA LYS D 98 -22.98 -17.00 -16.00
C LYS D 98 -21.93 -18.08 -16.34
N VAL D 99 -20.77 -17.65 -16.81
CA VAL D 99 -19.77 -18.61 -17.28
C VAL D 99 -18.42 -18.55 -16.56
N ILE D 100 -18.04 -17.38 -16.06
CA ILE D 100 -16.82 -17.23 -15.26
C ILE D 100 -17.15 -16.55 -13.93
N ASP D 101 -16.14 -16.41 -13.07
CA ASP D 101 -16.31 -15.64 -11.84
C ASP D 101 -15.60 -14.30 -12.01
N PHE D 102 -15.91 -13.35 -11.14
CA PHE D 102 -15.25 -12.04 -11.15
C PHE D 102 -14.94 -11.60 -9.72
N SER D 103 -13.75 -11.02 -9.50
CA SER D 103 -13.51 -10.29 -8.26
C SER D 103 -14.52 -9.15 -8.19
N LYS D 104 -14.75 -8.63 -6.99
CA LYS D 104 -15.53 -7.41 -6.88
C LYS D 104 -14.76 -6.38 -7.71
N PRO D 105 -15.44 -5.30 -8.11
CA PRO D 105 -14.85 -4.36 -9.07
C PRO D 105 -13.67 -3.59 -8.48
N PHE D 106 -12.62 -3.40 -9.28
CA PHE D 106 -11.54 -2.51 -8.90
C PHE D 106 -11.78 -1.11 -9.49
N MET D 107 -12.77 -1.02 -10.37
CA MET D 107 -13.15 0.25 -10.97
C MET D 107 -14.65 0.22 -11.27
N THR D 108 -15.38 1.30 -10.97
CA THR D 108 -16.79 1.39 -11.45
C THR D 108 -16.95 2.44 -12.54
N LEU D 109 -17.59 2.05 -13.62
CA LEU D 109 -17.79 2.96 -14.75
C LEU D 109 -19.21 2.90 -15.28
N GLY D 110 -19.33 3.17 -16.56
CA GLY D 110 -20.61 3.14 -17.20
C GLY D 110 -20.46 3.48 -18.66
N ILE D 111 -21.41 3.01 -19.46
CA ILE D 111 -21.48 3.38 -20.87
C ILE D 111 -21.84 4.84 -21.01
N SER D 112 -21.22 5.50 -21.98
CA SER D 112 -21.55 6.89 -22.29
C SER D 112 -21.19 7.23 -23.73
N ILE D 113 -21.25 8.50 -24.07
CA ILE D 113 -21.04 8.91 -25.44
C ILE D 113 -19.80 9.79 -25.66
N LEU D 114 -19.04 9.45 -26.68
CA LEU D 114 -17.92 10.27 -27.09
C LEU D 114 -18.29 10.95 -28.40
N TYR D 115 -18.34 12.29 -28.36
CA TYR D 115 -18.65 13.11 -29.54
C TYR D 115 -17.82 14.40 -29.48
N ARG D 116 -17.83 15.17 -30.56
CA ARG D 116 -17.15 16.45 -30.58
C ARG D 116 -17.97 17.49 -29.80
N LYS D 117 -17.32 18.56 -29.35
CA LYS D 117 -17.97 19.60 -28.55
C LYS D 117 -18.88 20.53 -29.38
N GLY D 118 -19.88 21.12 -28.72
CA GLY D 118 -20.68 22.17 -29.31
C GLY D 118 -21.79 21.76 -30.27
N THR D 119 -22.17 20.48 -30.23
CA THR D 119 -23.32 20.04 -31.00
C THR D 119 -24.55 20.14 -30.12
N PRO D 120 -25.74 20.15 -30.75
CA PRO D 120 -27.02 20.19 -30.04
C PRO D 120 -27.28 18.89 -29.27
N ILE D 121 -26.56 17.82 -29.64
CA ILE D 121 -26.68 16.51 -29.00
C ILE D 121 -26.32 16.62 -27.52
N ASP D 122 -27.14 16.02 -26.67
CA ASP D 122 -27.00 16.19 -25.23
C ASP D 122 -27.35 14.90 -24.45
N SER D 123 -27.73 13.85 -25.18
CA SER D 123 -28.15 12.60 -24.56
C SER D 123 -28.27 11.47 -25.57
N ALA D 124 -28.40 10.26 -25.06
CA ALA D 124 -28.57 9.08 -25.90
C ALA D 124 -29.83 9.23 -26.75
N ASP D 125 -30.87 9.81 -26.17
CA ASP D 125 -32.11 10.00 -26.89
C ASP D 125 -31.93 10.86 -28.14
N ASP D 126 -31.25 12.00 -27.98
CA ASP D 126 -30.99 12.92 -29.09
C ASP D 126 -30.30 12.25 -30.27
N LEU D 127 -29.54 11.20 -29.99
CA LEU D 127 -28.89 10.40 -31.01
C LEU D 127 -29.86 9.44 -31.68
N ALA D 128 -30.65 8.77 -30.83
CA ALA D 128 -31.57 7.74 -31.29
C ALA D 128 -32.49 8.31 -32.34
N LYS D 129 -33.15 9.42 -31.98
CA LYS D 129 -34.23 9.99 -32.76
C LYS D 129 -33.80 10.76 -34.01
N GLN D 130 -32.61 10.47 -34.53
CA GLN D 130 -32.17 11.03 -35.80
C GLN D 130 -31.25 10.06 -36.54
N THR D 131 -30.81 10.43 -37.73
CA THR D 131 -30.02 9.49 -38.54
C THR D 131 -28.78 10.09 -39.19
N LYS D 132 -28.76 11.42 -39.32
CA LYS D 132 -27.61 12.11 -39.88
C LYS D 132 -26.32 11.69 -39.17
N ILE D 133 -26.23 11.98 -37.88
CA ILE D 133 -25.11 11.53 -37.05
C ILE D 133 -25.20 10.03 -36.77
N GLU D 134 -24.21 9.29 -37.25
CA GLU D 134 -24.17 7.85 -36.99
C GLU D 134 -23.60 7.57 -35.61
N TYR D 135 -23.67 6.32 -35.19
CA TYR D 135 -23.13 5.95 -33.91
C TYR D 135 -22.91 4.45 -33.86
N GLY D 136 -22.02 4.02 -32.96
CA GLY D 136 -21.69 2.61 -32.84
C GLY D 136 -20.89 2.30 -31.60
N ALA D 137 -20.40 1.07 -31.52
CA ALA D 137 -19.66 0.61 -30.36
C ALA D 137 -18.67 -0.46 -30.78
N VAL D 138 -17.81 -0.86 -29.85
CA VAL D 138 -16.94 -1.96 -30.17
C VAL D 138 -17.79 -3.21 -30.39
N GLU D 139 -17.66 -3.81 -31.56
CA GLU D 139 -18.35 -5.04 -31.93
C GLU D 139 -17.97 -6.23 -31.03
N ASP D 140 -18.98 -6.90 -30.47
CA ASP D 140 -18.76 -8.01 -29.53
C ASP D 140 -18.30 -7.50 -28.16
N GLY D 141 -18.51 -6.22 -27.92
CA GLY D 141 -18.12 -5.59 -26.68
C GLY D 141 -19.19 -5.80 -25.64
N ALA D 142 -18.91 -5.35 -24.43
CA ALA D 142 -19.89 -5.39 -23.37
C ALA D 142 -20.91 -4.31 -23.69
N THR D 143 -20.38 -3.17 -24.17
CA THR D 143 -21.20 -2.01 -24.51
C THR D 143 -22.20 -2.36 -25.64
N MET D 144 -21.70 -2.94 -26.72
CA MET D 144 -22.59 -3.39 -27.78
C MET D 144 -23.63 -4.35 -27.20
N THR D 145 -23.16 -5.40 -26.55
CA THR D 145 -24.07 -6.36 -25.94
C THR D 145 -25.18 -5.69 -25.15
N PHE D 146 -24.84 -4.62 -24.44
CA PHE D 146 -25.83 -3.94 -23.61
C PHE D 146 -27.04 -3.55 -24.45
N PHE D 147 -26.77 -2.95 -25.61
CA PHE D 147 -27.83 -2.48 -26.51
C PHE D 147 -28.59 -3.64 -27.16
N LYS D 148 -27.85 -4.64 -27.60
CA LYS D 148 -28.45 -5.85 -28.17
C LYS D 148 -29.42 -6.51 -27.17
N LYS D 149 -29.07 -6.55 -25.90
CA LYS D 149 -29.91 -7.19 -24.90
C LYS D 149 -30.94 -6.25 -24.25
N SER D 150 -31.00 -5.00 -24.69
CA SER D 150 -31.80 -4.01 -23.97
C SER D 150 -33.20 -3.87 -24.52
N LYS D 151 -34.16 -3.80 -23.61
CA LYS D 151 -35.57 -3.64 -23.98
C LYS D 151 -35.98 -2.20 -23.76
N ILE D 152 -35.07 -1.38 -23.27
CA ILE D 152 -35.41 0.02 -23.03
C ILE D 152 -35.70 0.74 -24.35
N SER D 153 -36.81 1.46 -24.37
CA SER D 153 -37.28 2.10 -25.58
C SER D 153 -36.11 2.69 -26.39
N THR D 154 -35.46 3.68 -25.82
CA THR D 154 -34.39 4.41 -26.50
C THR D 154 -33.25 3.53 -27.02
N TYR D 155 -32.80 2.59 -26.20
CA TYR D 155 -31.65 1.80 -26.58
C TYR D 155 -31.99 0.72 -27.60
N ASP D 156 -33.22 0.19 -27.53
CA ASP D 156 -33.67 -0.74 -28.55
C ASP D 156 -33.63 -0.03 -29.90
N LYS D 157 -34.17 1.19 -29.92
CA LYS D 157 -34.08 2.09 -31.09
C LYS D 157 -32.66 2.24 -31.62
N MET D 158 -31.71 2.46 -30.72
CA MET D 158 -30.31 2.63 -31.09
C MET D 158 -29.64 1.33 -31.50
N TRP D 159 -30.10 0.22 -30.92
CA TRP D 159 -29.60 -1.06 -31.36
C TRP D 159 -30.06 -1.34 -32.78
N ALA D 160 -31.36 -1.15 -33.01
CA ALA D 160 -31.94 -1.39 -34.33
C ALA D 160 -31.16 -0.62 -35.39
N PHE D 161 -30.79 0.60 -35.03
CA PHE D 161 -29.99 1.42 -35.90
C PHE D 161 -28.65 0.74 -36.22
N MET D 162 -27.95 0.30 -35.18
CA MET D 162 -26.59 -0.25 -35.36
C MET D 162 -26.57 -1.61 -36.07
N SER D 163 -27.47 -2.50 -35.65
CA SER D 163 -27.42 -3.87 -36.18
C SER D 163 -27.76 -3.88 -37.66
N SER D 164 -28.36 -2.79 -38.11
CA SER D 164 -28.72 -2.65 -39.52
C SER D 164 -27.57 -2.06 -40.34
N ARG D 165 -26.60 -1.46 -39.66
CA ARG D 165 -25.45 -0.91 -40.36
C ARG D 165 -24.17 -1.44 -39.70
N ARG D 166 -24.28 -2.61 -39.07
CA ARG D 166 -23.22 -3.14 -38.22
C ARG D 166 -21.87 -3.30 -38.94
N GLN D 167 -21.87 -2.98 -40.22
CA GLN D 167 -20.68 -3.14 -41.04
C GLN D 167 -19.88 -1.84 -41.05
N SER D 168 -20.57 -0.72 -40.93
CA SER D 168 -19.95 0.59 -41.07
C SER D 168 -19.96 1.44 -39.79
N VAL D 169 -20.71 1.01 -38.78
CA VAL D 169 -20.78 1.76 -37.52
C VAL D 169 -20.25 0.98 -36.31
N LEU D 170 -20.13 -0.33 -36.45
CA LEU D 170 -19.53 -1.13 -35.42
C LEU D 170 -18.04 -1.27 -35.69
N VAL D 171 -17.23 -0.84 -34.73
CA VAL D 171 -15.79 -0.83 -34.89
C VAL D 171 -15.15 -2.01 -34.17
N LYS D 172 -13.87 -2.25 -34.46
CA LYS D 172 -13.16 -3.39 -33.89
C LYS D 172 -12.25 -3.06 -32.69
N SER D 173 -12.15 -1.78 -32.34
CA SER D 173 -11.33 -1.35 -31.22
C SER D 173 -11.72 0.05 -30.76
N ASN D 174 -11.45 0.34 -29.49
CA ASN D 174 -11.67 1.67 -28.96
C ASN D 174 -10.92 2.75 -29.75
N GLU D 175 -9.74 2.39 -30.27
CA GLU D 175 -8.96 3.32 -31.07
C GLU D 175 -9.68 3.69 -32.37
N GLU D 176 -10.11 2.66 -33.09
CA GLU D 176 -10.83 2.82 -34.36
C GLU D 176 -12.13 3.60 -34.19
N GLY D 177 -12.76 3.42 -33.04
CA GLY D 177 -13.99 4.12 -32.73
C GLY D 177 -13.72 5.61 -32.55
N ILE D 178 -12.59 5.93 -31.95
CA ILE D 178 -12.22 7.32 -31.72
C ILE D 178 -11.86 8.00 -33.02
N GLN D 179 -11.11 7.28 -33.85
CA GLN D 179 -10.83 7.72 -35.19
C GLN D 179 -12.14 8.16 -35.85
N ARG D 180 -13.07 7.23 -35.98
CA ARG D 180 -14.34 7.51 -36.64
C ARG D 180 -14.93 8.83 -36.17
N VAL D 181 -14.94 9.04 -34.86
CA VAL D 181 -15.49 10.27 -34.29
C VAL D 181 -14.75 11.49 -34.83
N LEU D 182 -13.44 11.32 -34.98
CA LEU D 182 -12.56 12.41 -35.39
C LEU D 182 -12.45 12.63 -36.88
N THR D 183 -13.03 11.74 -37.68
CA THR D 183 -12.91 11.84 -39.14
C THR D 183 -14.24 11.67 -39.87
N SER D 184 -15.36 11.87 -39.16
CA SER D 184 -16.68 11.78 -39.75
C SER D 184 -17.75 12.21 -38.75
N ASP D 185 -18.99 12.31 -39.21
CA ASP D 185 -20.09 12.70 -38.34
C ASP D 185 -20.55 11.48 -37.54
N TYR D 186 -19.82 11.19 -36.48
CA TYR D 186 -19.98 9.95 -35.75
C TYR D 186 -19.83 10.20 -34.24
N ALA D 187 -20.70 9.56 -33.47
CA ALA D 187 -20.62 9.57 -32.02
C ALA D 187 -20.36 8.14 -31.55
N PHE D 188 -19.46 7.99 -30.58
CA PHE D 188 -19.05 6.65 -30.16
C PHE D 188 -19.62 6.27 -28.78
N LEU D 189 -20.04 5.02 -28.64
CA LEU D 189 -20.48 4.50 -27.35
C LEU D 189 -19.34 3.71 -26.74
N MET D 190 -18.67 4.32 -25.76
CA MET D 190 -17.59 3.65 -25.05
C MET D 190 -17.76 3.79 -23.56
N GLU D 191 -16.85 3.18 -22.82
CA GLU D 191 -16.92 3.22 -21.39
C GLU D 191 -16.39 4.54 -20.85
N SER D 192 -17.02 5.00 -19.77
CA SER D 192 -16.80 6.35 -19.27
C SER D 192 -15.33 6.59 -18.92
N THR D 193 -14.72 5.62 -18.25
CA THR D 193 -13.33 5.69 -17.85
C THR D 193 -12.43 5.85 -19.07
N THR D 194 -12.69 5.09 -20.11
CA THR D 194 -11.90 5.25 -21.34
C THR D 194 -12.18 6.59 -22.03
N ILE D 195 -13.42 7.08 -21.99
CA ILE D 195 -13.74 8.42 -22.49
C ILE D 195 -12.91 9.47 -21.72
N GLU D 196 -13.02 9.41 -20.39
CA GLU D 196 -12.29 10.27 -19.48
C GLU D 196 -10.79 10.32 -19.77
N PHE D 197 -10.24 9.24 -20.31
CA PHE D 197 -8.84 9.19 -20.69
C PHE D 197 -8.60 9.89 -22.03
N VAL D 198 -9.52 9.68 -22.96
CA VAL D 198 -9.39 10.17 -24.33
C VAL D 198 -9.59 11.68 -24.41
N THR D 199 -10.48 12.19 -23.56
CA THR D 199 -10.86 13.58 -23.63
C THR D 199 -9.78 14.50 -23.08
N GLN D 200 -8.63 13.92 -22.76
CA GLN D 200 -7.45 14.70 -22.38
C GLN D 200 -6.48 14.77 -23.54
N ARG D 201 -6.24 13.63 -24.18
CA ARG D 201 -5.37 13.55 -25.35
C ARG D 201 -5.97 14.20 -26.64
N ASN D 202 -7.29 14.41 -26.64
CA ASN D 202 -8.00 14.98 -27.78
C ASN D 202 -8.93 16.09 -27.28
N CYS D 203 -8.60 17.32 -27.59
CA CYS D 203 -9.25 18.44 -26.92
C CYS D 203 -10.55 18.91 -27.58
N ASN D 204 -10.90 18.35 -28.73
CA ASN D 204 -12.16 18.71 -29.36
C ASN D 204 -13.28 17.70 -29.10
N LEU D 205 -12.97 16.67 -28.32
CA LEU D 205 -13.95 15.64 -27.97
C LEU D 205 -14.51 15.87 -26.57
N THR D 206 -15.65 15.27 -26.28
CA THR D 206 -16.25 15.42 -24.96
C THR D 206 -17.19 14.28 -24.67
N GLN D 207 -17.54 14.09 -23.41
CA GLN D 207 -18.59 13.13 -23.10
C GLN D 207 -19.98 13.77 -23.22
N ILE D 208 -20.79 13.20 -24.11
CA ILE D 208 -22.16 13.66 -24.24
C ILE D 208 -23.04 12.95 -23.22
N GLY D 209 -23.84 13.75 -22.50
CA GLY D 209 -24.78 13.21 -21.53
C GLY D 209 -24.10 12.56 -20.34
N GLY D 210 -24.85 11.72 -19.64
CA GLY D 210 -24.31 11.08 -18.46
C GLY D 210 -23.96 9.62 -18.71
N LEU D 211 -23.81 8.88 -17.61
CA LEU D 211 -23.62 7.44 -17.69
C LEU D 211 -24.94 6.77 -18.08
N ILE D 212 -24.88 5.91 -19.09
CA ILE D 212 -26.08 5.22 -19.54
C ILE D 212 -26.45 4.06 -18.61
N ASP D 213 -25.45 3.29 -18.18
CA ASP D 213 -25.65 2.25 -17.16
C ASP D 213 -24.57 2.34 -16.08
N SER D 214 -24.34 1.24 -15.36
CA SER D 214 -23.34 1.27 -14.28
C SER D 214 -22.67 -0.08 -14.04
N LYS D 215 -21.65 -0.39 -14.81
CA LYS D 215 -20.90 -1.63 -14.61
C LYS D 215 -19.56 -1.38 -13.88
N GLY D 216 -18.86 -2.46 -13.53
CA GLY D 216 -17.50 -2.37 -13.04
C GLY D 216 -16.55 -3.24 -13.85
N TYR D 217 -15.25 -3.06 -13.65
CA TYR D 217 -14.24 -3.99 -14.12
C TYR D 217 -13.80 -4.87 -12.96
N GLY D 218 -13.53 -6.13 -13.26
CA GLY D 218 -13.19 -7.10 -12.24
C GLY D 218 -12.13 -8.02 -12.78
N VAL D 219 -11.50 -8.78 -11.88
CA VAL D 219 -10.50 -9.75 -12.31
C VAL D 219 -11.22 -11.05 -12.66
N GLY D 220 -10.98 -11.52 -13.88
CA GLY D 220 -11.65 -12.71 -14.36
C GLY D 220 -10.99 -13.98 -13.87
N THR D 221 -11.77 -14.84 -13.23
CA THR D 221 -11.28 -16.17 -12.85
C THR D 221 -12.22 -17.24 -13.41
N PRO D 222 -11.68 -18.43 -13.68
CA PRO D 222 -12.54 -19.55 -14.09
C PRO D 222 -13.58 -19.78 -12.99
N MET D 223 -14.76 -20.26 -13.36
CA MET D 223 -15.82 -20.44 -12.38
C MET D 223 -15.42 -21.44 -11.30
N GLY D 224 -15.67 -21.10 -10.05
CA GLY D 224 -15.29 -21.95 -8.93
C GLY D 224 -13.87 -21.75 -8.40
N SER D 225 -13.16 -20.76 -8.95
CA SER D 225 -11.77 -20.52 -8.57
C SER D 225 -11.66 -19.92 -7.18
N PRO D 226 -10.73 -20.46 -6.35
CA PRO D 226 -10.46 -19.90 -5.02
C PRO D 226 -9.80 -18.51 -5.04
N TYR D 227 -9.16 -18.13 -6.15
CA TYR D 227 -8.62 -16.76 -6.29
C TYR D 227 -9.71 -15.68 -6.36
N ARG D 228 -10.92 -16.06 -6.76
CA ARG D 228 -11.97 -15.07 -6.84
C ARG D 228 -12.13 -14.39 -5.49
N LYS D 229 -12.27 -15.17 -4.45
CA LYS D 229 -12.42 -14.58 -3.13
C LYS D 229 -11.10 -13.90 -2.70
N LYS D 230 -9.98 -14.59 -2.87
CA LYS D 230 -8.69 -14.03 -2.46
C LYS D 230 -8.48 -12.65 -3.08
N ILE D 231 -8.73 -12.58 -4.39
CA ILE D 231 -8.50 -11.39 -5.16
C ILE D 231 -9.48 -10.30 -4.79
N THR D 232 -10.70 -10.71 -4.42
CA THR D 232 -11.69 -9.73 -3.97
C THR D 232 -11.22 -9.09 -2.68
N ILE D 233 -10.70 -9.90 -1.77
CA ILE D 233 -10.20 -9.36 -0.52
C ILE D 233 -9.06 -8.38 -0.78
N ALA D 234 -8.12 -8.80 -1.64
CA ALA D 234 -6.94 -7.98 -1.98
C ALA D 234 -7.34 -6.62 -2.57
N ILE D 235 -8.37 -6.65 -3.39
CA ILE D 235 -8.85 -5.44 -4.05
C ILE D 235 -9.54 -4.50 -3.04
N LEU D 236 -10.41 -5.08 -2.21
CA LEU D 236 -11.08 -4.30 -1.18
C LEU D 236 -10.04 -3.60 -0.32
N GLN D 237 -9.04 -4.38 0.06
CA GLN D 237 -7.85 -3.87 0.71
C GLN D 237 -7.31 -2.65 -0.06
N LEU D 238 -6.94 -2.85 -1.32
CA LEU D 238 -6.33 -1.81 -2.15
C LEU D 238 -7.16 -0.52 -2.30
N GLN D 239 -8.49 -0.65 -2.31
CA GLN D 239 -9.37 0.50 -2.34
C GLN D 239 -9.27 1.27 -1.03
N GLU D 240 -9.36 0.53 0.07
CA GLU D 240 -9.47 1.11 1.40
C GLU D 240 -8.20 1.84 1.81
N GLU D 241 -7.08 1.52 1.19
CA GLU D 241 -5.82 2.17 1.53
C GLU D 241 -5.35 3.19 0.49
N GLY D 242 -6.25 3.52 -0.44
CA GLY D 242 -6.04 4.58 -1.42
C GLY D 242 -5.19 4.23 -2.63
N LYS D 243 -4.75 2.97 -2.71
CA LYS D 243 -3.75 2.58 -3.72
C LYS D 243 -4.39 2.55 -5.08
N LEU D 244 -5.66 2.15 -5.12
CA LEU D 244 -6.38 2.12 -6.39
C LEU D 244 -6.60 3.52 -6.94
N HIS D 245 -6.98 4.45 -6.08
CA HIS D 245 -7.13 5.84 -6.50
C HIS D 245 -5.80 6.40 -7.00
N MET D 246 -4.74 6.22 -6.20
CA MET D 246 -3.41 6.64 -6.61
C MET D 246 -3.05 6.09 -8.00
N MET D 247 -3.31 4.79 -8.22
CA MET D 247 -3.02 4.12 -9.48
C MET D 247 -3.73 4.77 -10.67
N LYS D 248 -4.98 5.18 -10.47
CA LYS D 248 -5.71 5.84 -11.54
C LYS D 248 -5.14 7.24 -11.81
N GLU D 249 -4.89 8.01 -10.75
CA GLU D 249 -4.19 9.29 -10.85
C GLU D 249 -3.00 9.14 -11.78
N LYS D 250 -2.20 8.12 -11.48
CA LYS D 250 -0.96 7.83 -12.19
C LYS D 250 -1.12 7.63 -13.69
N TRP D 251 -2.15 6.90 -14.11
CA TRP D 251 -2.26 6.55 -15.53
C TRP D 251 -3.18 7.46 -16.36
N TRP D 252 -3.92 8.34 -15.68
CA TRP D 252 -4.86 9.29 -16.30
C TRP D 252 -4.38 10.76 -16.23
N KAI E . 24.83 7.84 -3.86
CD KAI E . 24.54 8.14 -5.28
CD1 KAI E . 24.84 8.21 -8.04
CD2 KAI E . 26.58 10.02 -7.92
CA KAI E . 26.13 8.40 -3.54
CB KAI E . 26.84 8.66 -4.86
CB1 KAI E . 27.52 7.44 -5.43
CG KAI E . 25.70 9.01 -5.78
CG1 KAI E . 28.84 7.08 -4.78
CG2 KAI E . 26.03 8.76 -7.25
C KAI E . 25.87 9.68 -2.78
O KAI E . 24.85 9.82 -2.11
OD1 KAI E . 29.17 5.88 -4.85
OD2 KAI E . 29.56 7.96 -4.24
OXT KAI E . 26.68 10.61 -2.82
N KAI F . 12.81 -6.33 19.72
CD KAI F . 13.18 -6.94 21.01
CD1 KAI F . 13.46 -8.90 22.96
CD2 KAI F . 11.06 -8.76 23.64
CA KAI F . 11.37 -6.51 19.53
CB KAI F . 10.92 -7.58 20.50
CB1 KAI F . 11.13 -8.99 19.96
CG KAI F . 11.88 -7.42 21.65
CG1 KAI F . 10.11 -9.43 18.96
CG2 KAI F . 12.04 -8.71 22.47
C KAI F . 10.73 -5.20 19.85
O KAI F . 11.34 -4.12 19.72
OD1 KAI F . 10.48 -10.30 18.14
OD2 KAI F . 8.95 -8.97 19.00
OXT KAI F . 9.57 -5.17 20.28
N KAI G . -23.67 1.53 5.84
CD KAI G . -24.90 1.78 6.62
CD1 KAI G . -26.68 3.13 8.24
CD2 KAI G . -25.36 2.62 10.31
CA KAI G . -22.52 1.63 6.75
CB KAI G . -23.01 2.35 7.99
CB1 KAI G . -22.98 3.86 7.84
CG KAI G . -24.47 1.94 8.07
CG1 KAI G . -21.63 4.51 7.98
CG2 KAI G . -25.29 2.97 8.83
C KAI G . -22.09 0.22 7.06
O KAI G . -22.29 -0.71 6.27
OD1 KAI G . -21.47 5.61 7.39
OD2 KAI G . -20.74 3.95 8.67
OXT KAI G . -21.54 -0.04 8.14
N KAI H . -14.46 -3.21 -21.72
CD KAI H . -13.25 -3.09 -22.56
CD1 KAI H . -11.63 -2.21 -24.62
CD2 KAI H . -12.76 -3.74 -26.25
CA KAI H . -15.56 -3.70 -22.56
CB KAI H . -15.14 -3.44 -23.98
CB1 KAI H . -15.42 -1.99 -24.41
CG KAI H . -13.64 -3.60 -23.93
CG1 KAI H . -16.86 -1.70 -24.76
CG2 KAI H . -12.96 -2.83 -25.06
C KAI H . -15.75 -5.16 -22.29
O KAI H . -15.52 -5.67 -21.18
OD1 KAI H . -17.24 -0.50 -24.66
OD2 KAI H . -17.61 -2.62 -25.17
OXT KAI H . -16.14 -5.91 -23.19
#